data_4A03
#
_entry.id   4A03
#
_cell.length_a   110.510
_cell.length_b   110.510
_cell.length_c   137.000
_cell.angle_alpha   90.00
_cell.angle_beta   90.00
_cell.angle_gamma   90.00
#
_symmetry.space_group_name_H-M   'P 43 21 2'
#
loop_
_entity.id
_entity.type
_entity.pdbx_description
1 polymer '1-DEOXY-D-XYLULOSE 5-PHOSPHATE REDUCTOISOMERASE'
2 non-polymer 'MANGANESE (II) ION'
3 non-polymer '3-[ethanoyl(hydroxy)amino]propylphosphonic acid'
4 non-polymer 'NADPH DIHYDRO-NICOTINAMIDE-ADENINE-DINUCLEOTIDE PHOSPHATE'
5 non-polymer GLYCEROL
6 water water
#
_entity_poly.entity_id   1
_entity_poly.type   'polypeptide(L)'
_entity_poly.pdbx_seq_one_letter_code
;TMAHHHHHHVTNSTDGRADGRLRVVVLGSTGSIGTQALQVIADNPDRFEVVGLAAGGAHLDTLLRQRAQTGVTNIAVADE
HAAQRVGDIPYHGSDAATRLVEQTEADVVLNALVGALGLRPTLAALKTGARLALANKESLVAGGSLVLRAARPGQIVPVD
SEHSALAQCLRGGTPDEVAKLVLTASGGPFRGWSAADLEHVTPEQAGAHPTWSMGPMNTLNSASLVNKGLEVIETHLLFG
IPYDRIDVVVHPQSIIHSMVTFIDGSTIAQASPPDMKLPISLALGWPRRVSGAAAACDFHTASSWEFEPLDTDVFPAVEL
ARQAGVAGGCMTAVYNAANEEAAAAFLAGRIGFPAIVGIIADVLHAADQWAVEPATVDDVLDAQRWARERAQRAVSGM
;
_entity_poly.pdbx_strand_id   A,B
#
# COMPACT_ATOMS: atom_id res chain seq x y z
N GLY A 20 -0.25 -4.25 30.49
CA GLY A 20 -0.13 -4.45 29.02
C GLY A 20 1.28 -4.81 28.58
N ARG A 21 2.07 -5.33 29.51
CA ARG A 21 3.46 -5.71 29.25
C ARG A 21 3.54 -7.17 28.79
N LEU A 22 3.91 -7.36 27.53
CA LEU A 22 3.88 -8.68 26.91
C LEU A 22 5.15 -9.46 27.21
N ARG A 23 4.97 -10.70 27.68
N ARG A 23 4.99 -10.70 27.67
CA ARG A 23 6.07 -11.62 27.99
CA ARG A 23 6.12 -11.57 27.99
C ARG A 23 6.51 -12.31 26.71
C ARG A 23 6.54 -12.37 26.77
N VAL A 24 7.79 -12.19 26.37
CA VAL A 24 8.33 -12.75 25.12
C VAL A 24 9.47 -13.75 25.36
N VAL A 25 9.33 -14.92 24.73
CA VAL A 25 10.44 -15.86 24.64
C VAL A 25 11.11 -15.64 23.29
N VAL A 26 12.44 -15.50 23.27
CA VAL A 26 13.16 -15.28 22.02
C VAL A 26 14.05 -16.50 21.73
N LEU A 27 13.61 -17.31 20.76
CA LEU A 27 14.39 -18.46 20.31
C LEU A 27 15.30 -18.02 19.20
N GLY A 28 16.57 -18.42 19.30
CA GLY A 28 17.59 -17.92 18.37
C GLY A 28 18.00 -16.50 18.71
N SER A 29 18.23 -16.24 20.00
CA SER A 29 18.38 -14.87 20.49
C SER A 29 19.67 -14.21 20.04
N THR A 30 20.71 -15.01 19.81
CA THR A 30 22.05 -14.51 19.51
C THR A 30 22.28 -14.19 18.03
N GLY A 31 21.32 -14.55 17.18
CA GLY A 31 21.47 -14.39 15.74
C GLY A 31 21.00 -13.02 15.25
N SER A 32 20.89 -12.90 13.94
CA SER A 32 20.54 -11.63 13.30
C SER A 32 19.17 -11.12 13.75
N ILE A 33 18.13 -11.94 13.59
CA ILE A 33 16.79 -11.55 14.02
C ILE A 33 16.73 -11.41 15.53
N GLY A 34 17.31 -12.38 16.24
CA GLY A 34 17.25 -12.39 17.71
C GLY A 34 17.82 -11.12 18.31
N THR A 35 19.00 -10.73 17.83
N THR A 35 18.99 -10.70 17.82
CA THR A 35 19.65 -9.53 18.32
CA THR A 35 19.65 -9.50 18.35
C THR A 35 18.77 -8.31 18.10
C THR A 35 18.92 -8.21 18.03
N GLN A 36 18.27 -8.15 16.87
CA GLN A 36 17.41 -7.01 16.52
C GLN A 36 16.14 -6.98 17.37
N ALA A 37 15.55 -8.15 17.64
CA ALA A 37 14.39 -8.26 18.53
C ALA A 37 14.68 -7.81 19.93
N LEU A 38 15.82 -8.24 20.49
CA LEU A 38 16.21 -7.77 21.83
C LEU A 38 16.40 -6.24 21.87
N GLN A 39 16.89 -5.65 20.78
CA GLN A 39 16.98 -4.18 20.70
C GLN A 39 15.62 -3.49 20.71
N VAL A 40 14.67 -4.01 19.92
CA VAL A 40 13.28 -3.51 19.94
C VAL A 40 12.69 -3.60 21.34
N ILE A 41 12.88 -4.74 21.99
CA ILE A 41 12.39 -4.92 23.35
C ILE A 41 13.06 -3.96 24.35
N ALA A 42 14.39 -3.81 24.26
CA ALA A 42 15.14 -2.87 25.12
C ALA A 42 14.64 -1.43 24.98
N ASP A 43 14.27 -1.07 23.75
CA ASP A 43 13.75 0.27 23.46
C ASP A 43 12.31 0.47 23.91
N ASN A 44 11.61 -0.61 24.20
CA ASN A 44 10.19 -0.54 24.54
C ASN A 44 9.81 -1.33 25.81
N PRO A 45 10.44 -1.00 26.95
CA PRO A 45 10.23 -1.74 28.19
C PRO A 45 8.79 -1.71 28.71
N ASP A 46 8.03 -0.68 28.35
CA ASP A 46 6.62 -0.58 28.76
C ASP A 46 5.71 -1.55 28.00
N ARG A 47 6.16 -1.99 26.83
CA ARG A 47 5.36 -2.87 25.97
C ARG A 47 5.77 -4.34 26.08
N PHE A 48 7.08 -4.57 26.25
CA PHE A 48 7.64 -5.93 26.11
C PHE A 48 8.64 -6.28 27.20
N GLU A 49 8.64 -7.55 27.59
CA GLU A 49 9.60 -8.10 28.54
C GLU A 49 10.09 -9.45 28.04
N VAL A 50 11.40 -9.63 27.99
CA VAL A 50 12.01 -10.93 27.68
C VAL A 50 11.86 -11.86 28.88
N VAL A 51 11.37 -13.07 28.64
CA VAL A 51 11.22 -14.06 29.72
C VAL A 51 11.95 -15.37 29.43
N GLY A 52 12.50 -15.52 28.23
CA GLY A 52 13.28 -16.71 27.92
C GLY A 52 14.15 -16.48 26.69
N LEU A 53 15.29 -17.17 26.64
CA LEU A 53 16.19 -17.10 25.49
C LEU A 53 16.64 -18.49 25.10
N ALA A 54 16.80 -18.74 23.81
CA ALA A 54 17.40 -20.00 23.35
C ALA A 54 18.45 -19.73 22.28
N ALA A 55 19.54 -20.49 22.31
CA ALA A 55 20.60 -20.36 21.32
C ALA A 55 21.31 -21.68 21.12
N GLY A 56 22.21 -21.74 20.15
CA GLY A 56 22.89 -22.98 19.81
C GLY A 56 24.10 -23.26 20.69
N GLY A 57 24.76 -22.18 21.11
CA GLY A 57 25.97 -22.28 21.93
C GLY A 57 27.24 -21.82 21.22
N ALA A 58 27.10 -21.38 19.97
CA ALA A 58 28.25 -21.01 19.14
C ALA A 58 28.77 -19.58 19.40
N HIS A 59 27.93 -18.75 20.01
CA HIS A 59 28.29 -17.36 20.30
C HIS A 59 28.00 -17.07 21.77
N LEU A 60 28.90 -17.53 22.64
CA LEU A 60 28.68 -17.46 24.07
C LEU A 60 28.90 -16.04 24.64
N ASP A 61 29.79 -15.29 24.02
CA ASP A 61 30.00 -13.88 24.37
C ASP A 61 28.69 -13.11 24.23
N THR A 62 28.01 -13.29 23.10
CA THR A 62 26.72 -12.64 22.87
C THR A 62 25.69 -13.09 23.89
N LEU A 63 25.62 -14.40 24.13
CA LEU A 63 24.64 -14.94 25.06
C LEU A 63 24.89 -14.38 26.47
N LEU A 64 26.17 -14.30 26.85
CA LEU A 64 26.54 -13.70 28.14
C LEU A 64 26.05 -12.27 28.26
N ARG A 65 26.29 -11.45 27.23
CA ARG A 65 25.79 -10.08 27.19
C ARG A 65 24.27 -10.02 27.34
N GLN A 66 23.57 -10.90 26.62
CA GLN A 66 22.12 -10.90 26.61
C GLN A 66 21.52 -11.29 27.96
N ARG A 67 22.13 -12.27 28.62
CA ARG A 67 21.69 -12.71 29.94
C ARG A 67 21.78 -11.56 30.94
N ALA A 68 22.87 -10.81 30.86
CA ALA A 68 23.12 -9.68 31.76
C ALA A 68 22.17 -8.52 31.51
N GLN A 69 21.95 -8.22 30.23
CA GLN A 69 21.13 -7.07 29.85
C GLN A 69 19.63 -7.29 30.05
N THR A 70 19.17 -8.54 29.90
CA THR A 70 17.74 -8.86 30.07
C THR A 70 17.43 -9.28 31.51
N GLY A 71 18.44 -9.72 32.23
CA GLY A 71 18.24 -10.28 33.57
C GLY A 71 17.50 -11.61 33.56
N VAL A 72 17.66 -12.35 32.46
CA VAL A 72 16.95 -13.61 32.28
C VAL A 72 17.95 -14.76 32.34
N THR A 73 17.70 -15.70 33.24
CA THR A 73 18.50 -16.92 33.37
C THR A 73 17.76 -18.13 32.81
N ASN A 74 16.51 -17.92 32.40
CA ASN A 74 15.73 -18.97 31.75
C ASN A 74 16.23 -19.10 30.32
N ILE A 75 17.25 -19.93 30.15
CA ILE A 75 17.97 -20.00 28.87
C ILE A 75 18.18 -21.44 28.44
N ALA A 76 17.96 -21.70 27.14
CA ALA A 76 18.25 -22.99 26.52
C ALA A 76 19.48 -22.87 25.63
N VAL A 77 20.37 -23.84 25.73
CA VAL A 77 21.57 -23.90 24.89
C VAL A 77 21.68 -25.31 24.32
N ALA A 78 21.73 -25.43 22.99
CA ALA A 78 21.65 -26.74 22.35
C ALA A 78 22.89 -27.60 22.63
N ASP A 79 24.06 -26.98 22.52
CA ASP A 79 25.31 -27.71 22.72
C ASP A 79 25.62 -27.86 24.22
N GLU A 80 25.72 -29.10 24.69
CA GLU A 80 25.94 -29.38 26.12
C GLU A 80 27.27 -28.81 26.64
N HIS A 81 28.35 -28.97 25.89
CA HIS A 81 29.65 -28.46 26.31
C HIS A 81 29.63 -26.93 26.42
N ALA A 82 28.96 -26.27 25.47
CA ALA A 82 28.83 -24.83 25.50
C ALA A 82 28.01 -24.38 26.72
N ALA A 83 26.95 -25.11 27.03
CA ALA A 83 26.12 -24.80 28.20
C ALA A 83 26.95 -24.87 29.50
N GLN A 84 27.82 -25.88 29.59
CA GLN A 84 28.72 -26.01 30.72
C GLN A 84 29.69 -24.83 30.83
N ARG A 85 30.21 -24.38 29.69
CA ARG A 85 31.15 -23.24 29.67
C ARG A 85 30.54 -21.91 30.11
N VAL A 86 29.32 -21.60 29.68
CA VAL A 86 28.69 -20.35 30.11
C VAL A 86 28.19 -20.43 31.55
N GLY A 87 27.78 -21.62 31.96
CA GLY A 87 27.28 -21.83 33.32
C GLY A 87 25.84 -21.38 33.52
N ASP A 88 25.22 -21.89 34.58
CA ASP A 88 23.88 -21.48 35.02
C ASP A 88 22.78 -21.73 33.98
N ILE A 89 22.98 -22.73 33.11
CA ILE A 89 21.99 -23.00 32.06
C ILE A 89 21.02 -24.10 32.49
N PRO A 90 19.71 -23.79 32.55
CA PRO A 90 18.75 -24.80 33.01
C PRO A 90 18.38 -25.87 31.98
N TYR A 91 18.49 -25.56 30.69
CA TYR A 91 18.10 -26.51 29.64
C TYR A 91 19.22 -26.63 28.61
N HIS A 92 19.73 -27.84 28.42
CA HIS A 92 20.70 -28.10 27.35
C HIS A 92 20.35 -29.36 26.56
N GLY A 93 20.90 -29.45 25.36
CA GLY A 93 20.64 -30.58 24.48
C GLY A 93 19.76 -30.16 23.32
N SER A 94 19.54 -31.08 22.39
CA SER A 94 18.78 -30.78 21.19
C SER A 94 17.31 -30.48 21.45
N ASP A 95 16.79 -30.97 22.58
CA ASP A 95 15.40 -30.69 22.95
C ASP A 95 15.25 -29.48 23.88
N ALA A 96 16.35 -28.77 24.13
CA ALA A 96 16.36 -27.68 25.13
C ALA A 96 15.40 -26.55 24.77
N ALA A 97 15.43 -26.12 23.50
CA ALA A 97 14.52 -25.03 23.07
C ALA A 97 13.04 -25.40 23.23
N THR A 98 12.71 -26.65 22.87
CA THR A 98 11.34 -27.16 23.00
C THR A 98 10.92 -27.17 24.47
N ARG A 99 11.81 -27.71 25.31
CA ARG A 99 11.56 -27.75 26.76
C ARG A 99 11.33 -26.36 27.35
N LEU A 100 12.17 -25.40 26.98
CA LEU A 100 12.01 -24.04 27.47
C LEU A 100 10.63 -23.50 27.09
N VAL A 101 10.22 -23.70 25.84
CA VAL A 101 8.90 -23.26 25.40
C VAL A 101 7.78 -23.93 26.20
N GLU A 102 7.92 -25.23 26.46
CA GLU A 102 6.87 -25.95 27.18
C GLU A 102 6.79 -25.54 28.65
N GLN A 103 7.88 -24.99 29.18
CA GLN A 103 7.97 -24.73 30.62
C GLN A 103 8.04 -23.24 30.98
N THR A 104 7.66 -22.37 30.04
CA THR A 104 7.72 -20.93 30.26
C THR A 104 6.38 -20.27 29.96
N GLU A 105 5.84 -19.52 30.91
CA GLU A 105 4.62 -18.74 30.68
C GLU A 105 4.95 -17.54 29.79
N ALA A 106 4.36 -17.48 28.60
CA ALA A 106 4.64 -16.36 27.72
C ALA A 106 3.40 -15.94 26.94
N ASP A 107 3.40 -14.69 26.48
CA ASP A 107 2.36 -14.17 25.61
C ASP A 107 2.75 -14.32 24.15
N VAL A 108 4.05 -14.22 23.87
CA VAL A 108 4.59 -14.33 22.51
C VAL A 108 5.85 -15.18 22.52
N VAL A 109 5.93 -16.14 21.61
CA VAL A 109 7.17 -16.84 21.35
C VAL A 109 7.67 -16.37 20.01
N LEU A 110 8.83 -15.72 20.02
CA LEU A 110 9.48 -15.29 18.78
C LEU A 110 10.44 -16.40 18.36
N ASN A 111 10.05 -17.15 17.34
CA ASN A 111 10.90 -18.21 16.85
C ASN A 111 11.83 -17.69 15.75
N ALA A 112 13.07 -17.40 16.13
CA ALA A 112 14.10 -16.94 15.21
C ALA A 112 15.26 -17.94 15.16
N LEU A 113 14.91 -19.20 15.38
CA LEU A 113 15.83 -20.30 15.07
C LEU A 113 16.01 -20.35 13.56
N VAL A 114 17.08 -21.00 13.12
CA VAL A 114 17.27 -21.21 11.68
C VAL A 114 17.14 -22.69 11.40
N GLY A 115 16.49 -23.00 10.29
CA GLY A 115 16.39 -24.38 9.82
C GLY A 115 15.13 -25.10 10.30
N ALA A 116 14.89 -26.27 9.72
CA ALA A 116 13.75 -27.10 10.09
C ALA A 116 13.80 -27.59 11.54
N LEU A 117 14.96 -27.47 12.19
CA LEU A 117 15.07 -27.83 13.61
C LEU A 117 14.22 -26.94 14.52
N GLY A 118 13.65 -25.87 13.96
CA GLY A 118 12.67 -25.07 14.67
C GLY A 118 11.28 -25.68 14.78
N LEU A 119 11.07 -26.84 14.15
CA LEU A 119 9.75 -27.46 14.09
C LEU A 119 9.15 -27.82 15.45
N ARG A 120 9.88 -28.57 16.27
CA ARG A 120 9.31 -28.96 17.58
C ARG A 120 9.07 -27.74 18.49
N PRO A 121 10.00 -26.77 18.51
CA PRO A 121 9.67 -25.54 19.26
C PRO A 121 8.42 -24.83 18.74
N THR A 122 8.26 -24.77 17.42
CA THR A 122 7.07 -24.17 16.81
C THR A 122 5.79 -24.87 17.27
N LEU A 123 5.80 -26.19 17.23
CA LEU A 123 4.64 -26.96 17.63
C LEU A 123 4.34 -26.78 19.12
N ALA A 124 5.39 -26.81 19.94
CA ALA A 124 5.22 -26.61 21.38
C ALA A 124 4.67 -25.20 21.67
N ALA A 125 5.16 -24.20 20.93
CA ALA A 125 4.71 -22.83 21.12
C ALA A 125 3.21 -22.72 20.83
N LEU A 126 2.78 -23.34 19.74
CA LEU A 126 1.37 -23.28 19.37
C LEU A 126 0.48 -23.94 20.43
N LYS A 127 0.96 -25.05 20.98
CA LYS A 127 0.21 -25.80 22.01
C LYS A 127 0.01 -24.99 23.30
N THR A 128 0.97 -24.11 23.63
CA THR A 128 0.84 -23.24 24.80
C THR A 128 -0.28 -22.21 24.67
N GLY A 129 -0.66 -21.90 23.43
CA GLY A 129 -1.67 -20.87 23.18
C GLY A 129 -1.09 -19.48 22.95
N ALA A 130 0.21 -19.32 23.16
CA ALA A 130 0.90 -18.04 22.93
C ALA A 130 0.87 -17.67 21.45
N ARG A 131 0.97 -16.38 21.16
CA ARG A 131 1.20 -15.93 19.79
C ARG A 131 2.56 -16.47 19.34
N LEU A 132 2.62 -16.99 18.12
CA LEU A 132 3.89 -17.40 17.55
C LEU A 132 4.32 -16.33 16.55
N ALA A 133 5.33 -15.53 16.92
CA ALA A 133 5.89 -14.54 16.01
C ALA A 133 6.94 -15.28 15.23
N LEU A 134 6.62 -15.61 13.98
CA LEU A 134 7.43 -16.57 13.24
C LEU A 134 8.42 -15.89 12.29
N ALA A 135 9.70 -15.99 12.60
CA ALA A 135 10.77 -15.63 11.66
C ALA A 135 11.27 -16.90 10.97
N ASN A 136 11.26 -18.01 11.71
CA ASN A 136 11.79 -19.30 11.26
C ASN A 136 10.85 -19.96 10.24
N LYS A 137 10.86 -19.45 9.01
CA LYS A 137 9.91 -19.90 7.99
C LYS A 137 10.01 -21.39 7.71
N GLU A 138 11.21 -21.95 7.87
CA GLU A 138 11.43 -23.38 7.59
C GLU A 138 10.57 -24.30 8.46
N SER A 139 10.26 -23.90 9.69
CA SER A 139 9.43 -24.76 10.52
C SER A 139 8.00 -24.85 9.97
N LEU A 140 7.50 -23.76 9.40
CA LEU A 140 6.17 -23.80 8.77
C LEU A 140 6.20 -24.52 7.43
N VAL A 141 7.23 -24.25 6.63
CA VAL A 141 7.42 -24.94 5.36
C VAL A 141 7.49 -26.45 5.55
N ALA A 142 8.26 -26.90 6.54
CA ALA A 142 8.42 -28.32 6.78
C ALA A 142 7.18 -28.95 7.43
N GLY A 143 6.63 -28.27 8.43
CA GLY A 143 5.48 -28.82 9.17
C GLY A 143 4.20 -28.85 8.35
N GLY A 144 4.03 -27.87 7.48
CA GLY A 144 2.84 -27.79 6.63
C GLY A 144 1.55 -27.91 7.42
N SER A 145 0.69 -28.84 7.00
CA SER A 145 -0.62 -29.04 7.64
C SER A 145 -0.53 -29.41 9.12
N LEU A 146 0.57 -30.03 9.51
CA LEU A 146 0.79 -30.38 10.91
C LEU A 146 0.87 -29.12 11.77
N VAL A 147 1.56 -28.10 11.27
CA VAL A 147 1.65 -26.82 11.96
C VAL A 147 0.31 -26.10 11.92
N LEU A 148 -0.34 -26.09 10.75
CA LEU A 148 -1.63 -25.42 10.62
C LEU A 148 -2.69 -26.02 11.56
N ARG A 149 -2.68 -27.34 11.70
CA ARG A 149 -3.62 -28.00 12.64
C ARG A 149 -3.41 -27.59 14.09
N ALA A 150 -2.16 -27.29 14.47
CA ALA A 150 -1.82 -26.91 15.85
C ALA A 150 -2.14 -25.45 16.17
N ALA A 151 -2.35 -24.64 15.14
CA ALA A 151 -2.56 -23.20 15.33
C ALA A 151 -4.04 -22.81 15.30
N ARG A 152 -4.39 -21.79 16.08
CA ARG A 152 -5.72 -21.18 16.01
C ARG A 152 -5.64 -20.01 15.04
N PRO A 153 -6.79 -19.55 14.50
CA PRO A 153 -6.73 -18.40 13.61
C PRO A 153 -6.09 -17.18 14.26
N GLY A 154 -5.16 -16.57 13.53
CA GLY A 154 -4.47 -15.38 14.01
C GLY A 154 -3.32 -15.65 14.97
N GLN A 155 -3.14 -16.93 15.36
CA GLN A 155 -2.09 -17.26 16.33
C GLN A 155 -0.67 -17.09 15.78
N ILE A 156 -0.47 -17.41 14.51
CA ILE A 156 0.83 -17.22 13.88
C ILE A 156 0.86 -15.82 13.25
N VAL A 157 1.87 -15.04 13.64
CA VAL A 157 2.02 -13.68 13.15
C VAL A 157 3.41 -13.59 12.49
N PRO A 158 3.45 -13.17 11.22
CA PRO A 158 4.69 -13.22 10.47
C PRO A 158 5.71 -12.15 10.87
N VAL A 159 6.98 -12.57 11.00
CA VAL A 159 8.11 -11.65 11.15
C VAL A 159 8.80 -11.46 9.79
N ASP A 160 8.75 -12.47 8.94
CA ASP A 160 9.39 -12.42 7.63
C ASP A 160 8.87 -11.17 6.91
N SER A 161 9.77 -10.38 6.31
CA SER A 161 9.39 -9.02 5.85
C SER A 161 8.28 -9.00 4.80
N GLU A 162 8.34 -9.94 3.85
CA GLU A 162 7.31 -10.04 2.82
C GLU A 162 5.94 -10.33 3.42
N HIS A 163 5.89 -11.23 4.41
CA HIS A 163 4.62 -11.68 4.96
C HIS A 163 4.03 -10.68 5.93
N SER A 164 4.91 -9.95 6.62
CA SER A 164 4.49 -8.81 7.41
C SER A 164 3.86 -7.75 6.49
N ALA A 165 4.49 -7.51 5.35
CA ALA A 165 3.95 -6.56 4.36
C ALA A 165 2.59 -7.02 3.84
N LEU A 166 2.48 -8.29 3.48
CA LEU A 166 1.21 -8.83 2.99
C LEU A 166 0.10 -8.70 4.03
N ALA A 167 0.41 -9.02 5.28
CA ALA A 167 -0.59 -8.89 6.34
C ALA A 167 -1.13 -7.46 6.45
N GLN A 168 -0.25 -6.48 6.32
CA GLN A 168 -0.65 -5.08 6.35
C GLN A 168 -1.51 -4.69 5.15
N CYS A 169 -1.11 -5.16 3.96
CA CYS A 169 -1.82 -4.83 2.72
C CYS A 169 -3.20 -5.48 2.65
N LEU A 170 -3.36 -6.61 3.34
CA LEU A 170 -4.63 -7.34 3.32
C LEU A 170 -5.72 -6.63 4.13
N ARG A 171 -5.34 -5.62 4.89
CA ARG A 171 -6.32 -4.71 5.49
C ARG A 171 -7.08 -3.91 4.43
N GLY A 172 -6.58 -3.91 3.19
CA GLY A 172 -7.15 -3.12 2.10
C GLY A 172 -8.45 -3.65 1.48
N GLY A 173 -8.85 -4.84 1.87
CA GLY A 173 -10.09 -5.43 1.36
C GLY A 173 -10.57 -6.63 2.17
N THR A 174 -11.67 -7.23 1.73
CA THR A 174 -12.17 -8.48 2.32
C THR A 174 -11.57 -9.67 1.54
N PRO A 175 -11.60 -10.88 2.12
CA PRO A 175 -10.94 -12.05 1.50
C PRO A 175 -11.35 -12.36 0.05
N ASP A 176 -12.63 -12.19 -0.26
CA ASP A 176 -13.15 -12.44 -1.62
C ASP A 176 -12.69 -11.39 -2.65
N GLU A 177 -12.07 -10.33 -2.15
CA GLU A 177 -11.63 -9.24 -3.02
C GLU A 177 -10.16 -9.35 -3.42
N VAL A 178 -9.45 -10.35 -2.90
CA VAL A 178 -8.03 -10.54 -3.20
C VAL A 178 -7.83 -11.25 -4.54
N ALA A 179 -7.11 -10.62 -5.45
CA ALA A 179 -6.84 -11.21 -6.75
C ALA A 179 -5.48 -11.92 -6.78
N LYS A 180 -4.46 -11.29 -6.21
CA LYS A 180 -3.10 -11.82 -6.24
C LYS A 180 -2.29 -11.28 -5.06
N LEU A 181 -1.47 -12.12 -4.44
CA LEU A 181 -0.42 -11.65 -3.53
C LEU A 181 0.88 -11.61 -4.31
N VAL A 182 1.60 -10.49 -4.23
CA VAL A 182 2.83 -10.35 -5.01
C VAL A 182 4.01 -10.16 -4.07
N LEU A 183 4.91 -11.15 -4.04
N LEU A 183 4.89 -11.16 -4.04
CA LEU A 183 6.12 -11.07 -3.23
CA LEU A 183 6.12 -11.08 -3.26
C LEU A 183 7.27 -10.42 -3.98
C LEU A 183 7.15 -10.29 -4.03
N THR A 184 7.92 -9.47 -3.34
CA THR A 184 9.12 -8.89 -3.93
C THR A 184 10.33 -9.74 -3.59
N ALA A 185 11.28 -9.79 -4.52
CA ALA A 185 12.57 -10.45 -4.34
C ALA A 185 13.66 -9.48 -4.74
N SER A 186 14.74 -9.39 -3.96
CA SER A 186 15.83 -8.48 -4.34
C SER A 186 16.52 -8.94 -5.61
N GLY A 187 16.48 -10.26 -5.85
CA GLY A 187 17.25 -10.87 -6.93
C GLY A 187 18.59 -11.39 -6.44
N GLY A 188 18.99 -10.96 -5.25
CA GLY A 188 20.26 -11.36 -4.66
C GLY A 188 21.49 -10.79 -5.37
N PRO A 189 22.69 -11.24 -4.95
CA PRO A 189 23.92 -10.73 -5.54
C PRO A 189 24.10 -11.13 -7.01
N PHE A 190 23.40 -12.19 -7.44
CA PHE A 190 23.57 -12.71 -8.80
C PHE A 190 22.39 -12.36 -9.70
N ARG A 191 21.66 -11.30 -9.32
CA ARG A 191 20.62 -10.75 -10.17
C ARG A 191 21.17 -10.49 -11.56
N GLY A 192 20.48 -11.02 -12.56
CA GLY A 192 20.90 -10.83 -13.95
C GLY A 192 22.04 -11.69 -14.46
N TRP A 193 22.62 -12.51 -13.59
CA TRP A 193 23.72 -13.40 -13.99
C TRP A 193 23.19 -14.55 -14.84
N SER A 194 24.05 -15.06 -15.73
CA SER A 194 23.69 -16.22 -16.56
C SER A 194 23.92 -17.52 -15.80
N ALA A 195 23.38 -18.61 -16.33
CA ALA A 195 23.60 -19.94 -15.77
C ALA A 195 25.10 -20.28 -15.73
N ALA A 196 25.82 -19.89 -16.78
CA ALA A 196 27.27 -20.10 -16.85
C ALA A 196 28.02 -19.29 -15.79
N ASP A 197 27.57 -18.06 -15.54
CA ASP A 197 28.13 -17.22 -14.48
C ASP A 197 28.04 -17.89 -13.12
N LEU A 198 26.90 -18.54 -12.86
CA LEU A 198 26.65 -19.15 -11.54
C LEU A 198 27.64 -20.26 -11.22
N GLU A 199 28.16 -20.92 -12.25
CA GLU A 199 29.12 -22.00 -12.03
C GLU A 199 30.34 -21.56 -11.22
N HIS A 200 30.72 -20.29 -11.34
CA HIS A 200 31.96 -19.78 -10.71
C HIS A 200 31.79 -19.16 -9.33
N VAL A 201 30.55 -19.14 -8.83
CA VAL A 201 30.23 -18.53 -7.55
C VAL A 201 30.94 -19.20 -6.37
N THR A 202 31.56 -18.38 -5.52
CA THR A 202 32.22 -18.86 -4.31
C THR A 202 31.31 -18.65 -3.11
N PRO A 203 31.55 -19.38 -2.00
CA PRO A 203 30.79 -19.09 -0.78
C PRO A 203 30.90 -17.63 -0.31
N GLU A 204 32.06 -16.99 -0.54
CA GLU A 204 32.22 -15.60 -0.13
C GLU A 204 31.32 -14.64 -0.93
N GLN A 205 31.16 -14.93 -2.22
CA GLN A 205 30.29 -14.14 -3.09
C GLN A 205 28.84 -14.32 -2.71
N ALA A 206 28.46 -15.57 -2.42
CA ALA A 206 27.09 -15.88 -2.06
C ALA A 206 26.71 -15.28 -0.72
N GLY A 207 27.70 -15.09 0.15
CA GLY A 207 27.50 -14.62 1.52
C GLY A 207 27.34 -13.11 1.68
N ALA A 208 27.38 -12.39 0.57
CA ALA A 208 27.25 -10.92 0.55
C ALA A 208 26.00 -10.44 -0.18
N HIS A 209 24.97 -10.07 0.58
CA HIS A 209 23.66 -9.68 0.01
C HIS A 209 23.61 -8.19 -0.31
N PRO A 210 22.95 -7.79 -1.41
CA PRO A 210 22.98 -6.37 -1.78
C PRO A 210 22.14 -5.41 -0.93
N THR A 211 21.13 -5.90 -0.21
CA THR A 211 20.19 -5.01 0.49
C THR A 211 19.92 -5.32 1.96
N TRP A 212 20.13 -6.57 2.38
CA TRP A 212 19.87 -6.97 3.75
C TRP A 212 21.09 -7.60 4.41
N SER A 213 21.26 -7.33 5.71
CA SER A 213 22.30 -7.97 6.53
C SER A 213 21.63 -9.05 7.38
N MET A 214 22.01 -10.30 7.15
CA MET A 214 21.31 -11.45 7.74
C MET A 214 22.30 -12.53 8.13
N GLY A 215 21.79 -13.58 8.80
CA GLY A 215 22.60 -14.77 9.10
C GLY A 215 22.98 -15.50 7.82
N PRO A 216 23.93 -16.46 7.91
CA PRO A 216 24.48 -17.12 6.72
C PRO A 216 23.48 -17.91 5.87
N MET A 217 22.53 -18.60 6.52
CA MET A 217 21.59 -19.41 5.77
C MET A 217 20.60 -18.60 4.94
N ASN A 218 19.99 -17.58 5.54
CA ASN A 218 19.05 -16.77 4.79
C ASN A 218 19.81 -16.03 3.69
N THR A 219 21.07 -15.66 3.98
CA THR A 219 21.90 -15.00 2.96
C THR A 219 22.14 -15.90 1.75
N LEU A 220 22.57 -17.13 2.00
CA LEU A 220 22.79 -18.09 0.91
C LEU A 220 21.49 -18.40 0.15
N ASN A 221 20.41 -18.62 0.90
CA ASN A 221 19.12 -18.93 0.29
C ASN A 221 18.60 -17.77 -0.56
N SER A 222 18.92 -16.53 -0.16
CA SER A 222 18.50 -15.38 -0.95
C SER A 222 19.28 -15.34 -2.26
N ALA A 223 20.57 -15.68 -2.22
CA ALA A 223 21.39 -15.75 -3.43
C ALA A 223 20.92 -16.81 -4.43
N SER A 224 20.46 -17.95 -3.92
CA SER A 224 20.06 -19.05 -4.80
C SER A 224 18.60 -18.97 -5.26
N LEU A 225 17.85 -18.04 -4.67
CA LEU A 225 16.40 -17.86 -4.84
C LEU A 225 15.54 -18.91 -4.13
N VAL A 226 16.20 -19.82 -3.42
CA VAL A 226 15.48 -20.78 -2.57
C VAL A 226 14.72 -20.03 -1.48
N ASN A 227 15.28 -18.94 -0.97
CA ASN A 227 14.56 -18.16 0.02
C ASN A 227 13.17 -17.76 -0.50
N LYS A 228 13.11 -17.25 -1.73
CA LYS A 228 11.85 -16.80 -2.29
C LYS A 228 10.90 -17.98 -2.52
N GLY A 229 11.45 -19.13 -2.91
CA GLY A 229 10.67 -20.37 -2.96
C GLY A 229 10.03 -20.73 -1.63
N LEU A 230 10.84 -20.73 -0.57
CA LEU A 230 10.34 -20.96 0.78
C LEU A 230 9.24 -19.95 1.13
N GLU A 231 9.44 -18.70 0.70
CA GLU A 231 8.47 -17.65 1.04
C GLU A 231 7.15 -17.81 0.28
N VAL A 232 7.19 -18.39 -0.92
CA VAL A 232 5.95 -18.66 -1.66
C VAL A 232 5.13 -19.73 -0.90
N ILE A 233 5.81 -20.78 -0.47
CA ILE A 233 5.14 -21.82 0.35
C ILE A 233 4.61 -21.23 1.66
N GLU A 234 5.43 -20.42 2.31
CA GLU A 234 5.05 -19.76 3.56
C GLU A 234 3.79 -18.89 3.35
N THR A 235 3.72 -18.20 2.22
CA THR A 235 2.56 -17.37 1.90
C THR A 235 1.30 -18.21 1.79
N HIS A 236 1.39 -19.31 1.04
CA HIS A 236 0.25 -20.20 0.88
C HIS A 236 -0.25 -20.70 2.24
N LEU A 237 0.68 -21.12 3.08
CA LEU A 237 0.30 -21.70 4.38
C LEU A 237 -0.26 -20.66 5.35
N LEU A 238 0.36 -19.48 5.41
CA LEU A 238 -0.06 -18.43 6.34
C LEU A 238 -1.43 -17.86 5.98
N PHE A 239 -1.59 -17.53 4.70
CA PHE A 239 -2.72 -16.74 4.24
C PHE A 239 -3.83 -17.53 3.59
N GLY A 240 -3.58 -18.81 3.31
CA GLY A 240 -4.60 -19.68 2.71
C GLY A 240 -4.99 -19.23 1.32
N ILE A 241 -4.05 -18.67 0.57
CA ILE A 241 -4.26 -18.21 -0.80
C ILE A 241 -3.64 -19.28 -1.70
N PRO A 242 -4.33 -19.67 -2.79
CA PRO A 242 -3.78 -20.72 -3.65
C PRO A 242 -2.48 -20.29 -4.33
N TYR A 243 -1.63 -21.26 -4.65
CA TYR A 243 -0.36 -20.99 -5.34
C TYR A 243 -0.56 -20.23 -6.64
N ASP A 244 -1.67 -20.50 -7.33
CA ASP A 244 -1.97 -19.84 -8.59
C ASP A 244 -2.28 -18.35 -8.46
N ARG A 245 -2.38 -17.87 -7.22
CA ARG A 245 -2.62 -16.45 -6.95
C ARG A 245 -1.49 -15.83 -6.12
N ILE A 246 -0.34 -16.49 -6.12
CA ILE A 246 0.87 -15.95 -5.50
C ILE A 246 1.92 -15.72 -6.57
N ASP A 247 2.35 -14.47 -6.70
CA ASP A 247 3.34 -14.13 -7.71
C ASP A 247 4.61 -13.56 -7.07
N VAL A 248 5.67 -13.52 -7.87
CA VAL A 248 6.95 -12.95 -7.47
C VAL A 248 7.42 -11.94 -8.51
N VAL A 249 7.94 -10.81 -8.04
CA VAL A 249 8.58 -9.81 -8.92
C VAL A 249 9.95 -9.44 -8.33
N VAL A 250 10.92 -9.16 -9.19
CA VAL A 250 12.23 -8.72 -8.71
C VAL A 250 12.21 -7.20 -8.53
N HIS A 251 12.60 -6.77 -7.33
CA HIS A 251 12.61 -5.35 -6.96
C HIS A 251 13.96 -5.11 -6.28
N PRO A 252 14.95 -4.60 -7.04
CA PRO A 252 16.32 -4.58 -6.53
C PRO A 252 16.56 -3.71 -5.29
N GLN A 253 15.72 -2.71 -5.06
CA GLN A 253 15.88 -1.81 -3.91
C GLN A 253 15.47 -2.42 -2.59
N SER A 254 14.61 -3.45 -2.62
CA SER A 254 14.04 -4.05 -1.41
C SER A 254 13.37 -3.00 -0.52
N ILE A 255 12.76 -1.98 -1.13
CA ILE A 255 12.00 -0.97 -0.38
C ILE A 255 10.54 -1.36 -0.30
N ILE A 256 9.94 -1.73 -1.43
CA ILE A 256 8.61 -2.35 -1.38
C ILE A 256 8.79 -3.80 -0.92
N HIS A 257 8.09 -4.18 0.15
CA HIS A 257 8.32 -5.49 0.81
C HIS A 257 7.39 -6.60 0.36
N SER A 258 6.26 -6.20 -0.22
CA SER A 258 5.31 -7.06 -0.94
C SER A 258 4.05 -6.23 -1.23
N MET A 259 3.13 -6.80 -2.01
CA MET A 259 1.95 -6.08 -2.48
C MET A 259 0.76 -7.02 -2.63
N VAL A 260 -0.44 -6.46 -2.60
CA VAL A 260 -1.66 -7.24 -2.85
C VAL A 260 -2.43 -6.56 -3.98
N THR A 261 -2.83 -7.34 -4.99
CA THR A 261 -3.70 -6.81 -6.05
C THR A 261 -5.11 -7.28 -5.81
N PHE A 262 -6.05 -6.35 -5.86
CA PHE A 262 -7.45 -6.62 -5.61
C PHE A 262 -8.23 -6.76 -6.91
N ILE A 263 -9.44 -7.30 -6.80
CA ILE A 263 -10.24 -7.72 -7.95
C ILE A 263 -10.67 -6.56 -8.85
N ASP A 264 -10.61 -5.35 -8.31
CA ASP A 264 -10.95 -4.14 -9.06
C ASP A 264 -9.78 -3.54 -9.83
N GLY A 265 -8.58 -4.09 -9.62
CA GLY A 265 -7.37 -3.61 -10.28
C GLY A 265 -6.48 -2.75 -9.40
N SER A 266 -6.93 -2.45 -8.18
CA SER A 266 -6.12 -1.72 -7.20
C SER A 266 -5.02 -2.60 -6.61
N THR A 267 -3.82 -2.04 -6.46
CA THR A 267 -2.72 -2.70 -5.74
C THR A 267 -2.36 -1.89 -4.49
N ILE A 268 -2.19 -2.59 -3.36
CA ILE A 268 -1.74 -1.95 -2.13
C ILE A 268 -0.38 -2.53 -1.80
N ALA A 269 0.57 -1.65 -1.52
CA ALA A 269 1.96 -2.03 -1.28
C ALA A 269 2.45 -1.50 0.06
N GLN A 270 3.34 -2.24 0.70
CA GLN A 270 3.97 -1.76 1.95
C GLN A 270 5.44 -1.52 1.68
N ALA A 271 5.96 -0.40 2.17
CA ALA A 271 7.34 0.00 1.83
C ALA A 271 8.04 0.65 3.01
N SER A 272 9.35 0.42 3.08
CA SER A 272 10.22 1.08 4.07
C SER A 272 11.66 0.79 3.71
N PRO A 273 12.59 1.67 4.14
CA PRO A 273 13.99 1.29 3.97
C PRO A 273 14.23 -0.05 4.68
N PRO A 274 15.02 -0.95 4.08
CA PRO A 274 15.12 -2.30 4.67
C PRO A 274 15.68 -2.31 6.10
N ASP A 275 14.85 -2.75 7.04
CA ASP A 275 15.22 -2.82 8.45
C ASP A 275 14.25 -3.78 9.14
N MET A 276 14.78 -4.92 9.59
CA MET A 276 13.94 -5.95 10.17
C MET A 276 13.30 -5.56 11.49
N LYS A 277 13.80 -4.49 12.13
CA LYS A 277 13.15 -4.01 13.34
C LYS A 277 11.69 -3.62 13.11
N LEU A 278 11.36 -3.18 11.90
CA LEU A 278 9.96 -2.87 11.59
C LEU A 278 9.02 -4.09 11.68
N PRO A 279 9.25 -5.15 10.87
CA PRO A 279 8.36 -6.31 11.00
C PRO A 279 8.48 -7.03 12.36
N ILE A 280 9.66 -7.03 12.96
CA ILE A 280 9.80 -7.61 14.31
C ILE A 280 8.86 -6.87 15.28
N SER A 281 8.94 -5.54 15.27
CA SER A 281 8.14 -4.73 16.19
C SER A 281 6.63 -4.95 16.01
N LEU A 282 6.19 -5.06 14.75
CA LEU A 282 4.78 -5.28 14.46
C LEU A 282 4.31 -6.67 14.86
N ALA A 283 5.19 -7.67 14.74
CA ALA A 283 4.83 -9.04 15.10
C ALA A 283 4.66 -9.17 16.61
N LEU A 284 5.55 -8.54 17.36
CA LEU A 284 5.49 -8.58 18.82
C LEU A 284 4.25 -7.87 19.34
N GLY A 285 3.88 -6.76 18.69
CA GLY A 285 2.79 -5.92 19.18
C GLY A 285 1.47 -6.04 18.45
N TRP A 286 1.40 -6.93 17.46
CA TRP A 286 0.22 -7.07 16.59
C TRP A 286 -1.08 -7.05 17.39
N PRO A 287 -2.07 -6.24 16.95
CA PRO A 287 -2.06 -5.43 15.73
C PRO A 287 -1.46 -4.02 15.89
N ARG A 288 -1.10 -3.65 17.12
CA ARG A 288 -0.59 -2.31 17.42
C ARG A 288 0.79 -2.04 16.80
N ARG A 289 0.96 -0.84 16.24
CA ARG A 289 2.26 -0.43 15.73
C ARG A 289 3.14 0.13 16.85
N VAL A 290 4.45 -0.02 16.69
CA VAL A 290 5.42 0.44 17.69
C VAL A 290 6.10 1.72 17.21
N SER A 291 5.79 2.83 17.88
CA SER A 291 6.33 4.13 17.50
C SER A 291 7.85 4.13 17.40
N GLY A 292 8.37 4.63 16.28
CA GLY A 292 9.80 4.80 16.09
C GLY A 292 10.62 3.55 15.87
N ALA A 293 9.95 2.43 15.58
CA ALA A 293 10.64 1.16 15.34
C ALA A 293 11.74 1.25 14.27
N ALA A 294 11.44 1.94 13.17
CA ALA A 294 12.37 2.07 12.06
C ALA A 294 12.14 3.37 11.31
N ALA A 295 13.11 3.74 10.48
CA ALA A 295 13.03 4.94 9.65
C ALA A 295 12.05 4.74 8.50
N ALA A 296 11.35 5.81 8.13
CA ALA A 296 10.39 5.76 7.03
C ALA A 296 11.05 6.19 5.73
N CYS A 297 10.44 5.83 4.62
CA CYS A 297 10.85 6.37 3.32
C CYS A 297 10.91 7.88 3.40
N ASP A 298 11.97 8.45 2.84
CA ASP A 298 12.17 9.89 2.77
C ASP A 298 11.96 10.34 1.33
N PHE A 299 10.96 11.18 1.13
CA PHE A 299 10.60 11.62 -0.22
C PHE A 299 11.10 13.03 -0.53
N HIS A 300 12.03 13.52 0.29
CA HIS A 300 12.66 14.82 0.06
C HIS A 300 13.89 14.71 -0.85
N THR A 301 14.30 13.48 -1.12
CA THR A 301 15.40 13.22 -2.05
C THR A 301 14.88 12.32 -3.18
N ALA A 302 15.31 12.61 -4.41
CA ALA A 302 14.88 11.83 -5.57
C ALA A 302 15.29 10.36 -5.47
N SER A 303 14.39 9.47 -5.90
CA SER A 303 14.68 8.05 -5.89
C SER A 303 13.79 7.31 -6.89
N SER A 304 14.05 6.03 -7.07
CA SER A 304 13.18 5.23 -7.90
C SER A 304 13.05 3.82 -7.34
N TRP A 305 11.88 3.24 -7.61
CA TRP A 305 11.60 1.86 -7.26
C TRP A 305 11.41 1.09 -8.56
N GLU A 306 12.26 0.09 -8.77
CA GLU A 306 12.29 -0.63 -10.04
C GLU A 306 11.72 -2.03 -9.89
N PHE A 307 11.12 -2.52 -10.97
CA PHE A 307 10.58 -3.90 -11.02
C PHE A 307 11.06 -4.56 -12.29
N GLU A 308 11.36 -5.85 -12.19
CA GLU A 308 11.68 -6.63 -13.38
C GLU A 308 11.30 -8.09 -13.14
N PRO A 309 11.09 -8.86 -14.23
CA PRO A 309 10.79 -10.27 -14.04
C PRO A 309 12.00 -11.07 -13.57
N LEU A 310 11.76 -12.19 -12.90
CA LEU A 310 12.81 -13.15 -12.59
C LEU A 310 13.03 -14.04 -13.80
N ASP A 311 14.29 -14.33 -14.16
CA ASP A 311 14.52 -15.29 -15.24
C ASP A 311 14.53 -16.69 -14.65
N THR A 312 13.45 -17.41 -14.91
CA THR A 312 13.23 -18.73 -14.34
C THR A 312 14.07 -19.83 -15.00
N ASP A 313 14.64 -19.51 -16.17
CA ASP A 313 15.61 -20.41 -16.80
C ASP A 313 16.88 -20.52 -15.95
N VAL A 314 17.32 -19.39 -15.40
CA VAL A 314 18.52 -19.36 -14.58
C VAL A 314 18.19 -19.67 -13.13
N PHE A 315 17.04 -19.20 -12.67
CA PHE A 315 16.63 -19.35 -11.26
C PHE A 315 15.28 -20.05 -11.10
N PRO A 316 15.28 -21.39 -11.22
CA PRO A 316 13.99 -22.10 -11.17
C PRO A 316 13.52 -22.44 -9.75
N ALA A 317 14.21 -21.96 -8.72
CA ALA A 317 13.87 -22.34 -7.34
C ALA A 317 12.44 -22.02 -6.92
N VAL A 318 11.88 -20.93 -7.43
CA VAL A 318 10.54 -20.49 -7.04
C VAL A 318 9.50 -21.40 -7.70
N GLU A 319 9.70 -21.71 -8.98
CA GLU A 319 8.81 -22.63 -9.67
C GLU A 319 8.87 -24.03 -9.06
N LEU A 320 10.05 -24.45 -8.61
CA LEU A 320 10.20 -25.74 -7.94
C LEU A 320 9.45 -25.74 -6.60
N ALA A 321 9.49 -24.61 -5.89
CA ALA A 321 8.76 -24.50 -4.63
C ALA A 321 7.25 -24.62 -4.84
N ARG A 322 6.72 -23.96 -5.86
CA ARG A 322 5.31 -24.09 -6.21
C ARG A 322 4.94 -25.52 -6.54
N GLN A 323 5.78 -26.18 -7.33
CA GLN A 323 5.53 -27.56 -7.69
C GLN A 323 5.44 -28.43 -6.44
N ALA A 324 6.38 -28.24 -5.52
CA ALA A 324 6.39 -28.94 -4.23
C ALA A 324 5.13 -28.63 -3.42
N GLY A 325 4.78 -27.35 -3.37
CA GLY A 325 3.62 -26.90 -2.58
C GLY A 325 2.32 -27.48 -3.11
N VAL A 326 2.20 -27.50 -4.43
CA VAL A 326 1.00 -28.04 -5.08
C VAL A 326 0.89 -29.54 -4.83
N ALA A 327 2.01 -30.25 -4.89
CA ALA A 327 2.06 -31.68 -4.55
C ALA A 327 1.61 -31.89 -3.11
N GLY A 328 2.08 -31.01 -2.22
CA GLY A 328 1.59 -30.95 -0.85
C GLY A 328 2.12 -32.02 0.08
N GLY A 329 1.46 -32.20 1.21
CA GLY A 329 1.85 -33.20 2.18
C GLY A 329 3.24 -32.93 2.72
N CYS A 330 4.11 -33.92 2.62
CA CYS A 330 5.49 -33.80 3.10
C CYS A 330 6.45 -33.25 2.04
N MET A 331 5.92 -32.94 0.85
CA MET A 331 6.78 -32.49 -0.26
C MET A 331 7.50 -31.17 0.03
N THR A 332 6.88 -30.28 0.79
CA THR A 332 7.54 -29.02 1.15
C THR A 332 8.67 -29.23 2.16
N ALA A 333 8.51 -30.19 3.07
CA ALA A 333 9.60 -30.60 3.95
C ALA A 333 10.77 -31.19 3.15
N VAL A 334 10.45 -31.95 2.11
CA VAL A 334 11.46 -32.53 1.20
C VAL A 334 12.25 -31.41 0.49
N TYR A 335 11.52 -30.44 -0.08
CA TYR A 335 12.16 -29.29 -0.74
C TYR A 335 13.15 -28.61 0.19
N ASN A 336 12.69 -28.27 1.40
CA ASN A 336 13.58 -27.59 2.32
C ASN A 336 14.74 -28.44 2.83
N ALA A 337 14.49 -29.72 3.09
CA ALA A 337 15.56 -30.59 3.59
C ALA A 337 16.63 -30.82 2.54
N ALA A 338 16.21 -30.99 1.28
CA ALA A 338 17.16 -31.14 0.17
C ALA A 338 18.02 -29.89 0.09
N ASN A 339 17.40 -28.72 0.24
CA ASN A 339 18.17 -27.47 0.26
C ASN A 339 19.18 -27.43 1.39
N GLU A 340 18.75 -27.75 2.62
CA GLU A 340 19.64 -27.69 3.77
C GLU A 340 20.89 -28.53 3.54
N GLU A 341 20.69 -29.72 2.97
CA GLU A 341 21.81 -30.64 2.73
C GLU A 341 22.71 -30.15 1.60
N ALA A 342 22.10 -29.72 0.50
CA ALA A 342 22.86 -29.22 -0.65
C ALA A 342 23.59 -27.90 -0.34
N ALA A 343 22.92 -27.01 0.38
CA ALA A 343 23.51 -25.74 0.78
C ALA A 343 24.75 -26.00 1.62
N ALA A 344 24.66 -26.94 2.56
CA ALA A 344 25.79 -27.31 3.41
C ALA A 344 26.96 -27.83 2.58
N ALA A 345 26.65 -28.62 1.56
CA ALA A 345 27.68 -29.17 0.66
C ALA A 345 28.38 -28.07 -0.11
N PHE A 346 27.61 -27.07 -0.55
CA PHE A 346 28.19 -25.91 -1.23
C PHE A 346 29.13 -25.13 -0.32
N LEU A 347 28.69 -24.87 0.91
CA LEU A 347 29.51 -24.13 1.87
C LEU A 347 30.80 -24.89 2.20
N ALA A 348 30.75 -26.22 2.11
CA ALA A 348 31.91 -27.06 2.39
C ALA A 348 32.83 -27.26 1.19
N GLY A 349 32.44 -26.71 0.04
CA GLY A 349 33.25 -26.81 -1.18
C GLY A 349 33.08 -28.11 -1.95
N ARG A 350 32.06 -28.88 -1.62
CA ARG A 350 31.86 -30.19 -2.24
C ARG A 350 31.07 -30.14 -3.55
N ILE A 351 30.30 -29.08 -3.76
CA ILE A 351 29.55 -28.87 -5.00
C ILE A 351 29.62 -27.41 -5.44
N GLY A 352 29.33 -27.17 -6.71
CA GLY A 352 29.23 -25.82 -7.24
C GLY A 352 27.89 -25.22 -6.86
N PHE A 353 27.80 -23.89 -6.97
CA PHE A 353 26.60 -23.16 -6.60
C PHE A 353 25.31 -23.60 -7.33
N PRO A 354 25.35 -23.76 -8.67
CA PRO A 354 24.13 -24.16 -9.39
C PRO A 354 23.59 -25.55 -8.98
N ALA A 355 24.46 -26.39 -8.43
CA ALA A 355 24.08 -27.72 -7.99
C ALA A 355 23.15 -27.70 -6.77
N ILE A 356 23.06 -26.57 -6.07
CA ILE A 356 22.14 -26.51 -4.92
C ILE A 356 20.71 -26.74 -5.42
N VAL A 357 20.28 -25.89 -6.35
CA VAL A 357 18.93 -26.00 -6.90
C VAL A 357 18.81 -27.22 -7.83
N GLY A 358 19.91 -27.58 -8.49
CA GLY A 358 19.95 -28.83 -9.28
C GLY A 358 19.65 -30.07 -8.45
N ILE A 359 20.26 -30.14 -7.26
CA ILE A 359 20.02 -31.27 -6.33
C ILE A 359 18.59 -31.22 -5.77
N ILE A 360 18.12 -30.03 -5.41
CA ILE A 360 16.72 -29.92 -4.96
C ILE A 360 15.75 -30.49 -5.99
N ALA A 361 15.92 -30.12 -7.26
CA ALA A 361 15.04 -30.58 -8.33
C ALA A 361 15.10 -32.10 -8.46
N ASP A 362 16.31 -32.65 -8.43
CA ASP A 362 16.47 -34.09 -8.57
C ASP A 362 15.80 -34.85 -7.42
N VAL A 363 15.95 -34.35 -6.20
CA VAL A 363 15.32 -34.96 -5.03
C VAL A 363 13.79 -34.85 -5.11
N LEU A 364 13.30 -33.66 -5.41
CA LEU A 364 11.85 -33.41 -5.49
C LEU A 364 11.14 -34.28 -6.54
N HIS A 365 11.76 -34.42 -7.71
CA HIS A 365 11.10 -35.16 -8.79
C HIS A 365 11.10 -36.68 -8.58
N ALA A 366 11.90 -37.12 -7.62
CA ALA A 366 11.94 -38.53 -7.22
C ALA A 366 11.22 -38.79 -5.90
N ALA A 367 10.53 -37.78 -5.38
CA ALA A 367 9.99 -37.81 -4.01
C ALA A 367 8.51 -38.18 -3.90
N ASP A 368 7.97 -38.77 -4.97
CA ASP A 368 6.54 -39.14 -5.04
C ASP A 368 5.99 -39.82 -3.79
N GLN A 369 6.79 -40.69 -3.18
CA GLN A 369 6.38 -41.44 -1.99
C GLN A 369 6.02 -40.53 -0.81
N TRP A 370 6.38 -39.25 -0.91
CA TRP A 370 6.17 -38.30 0.19
C TRP A 370 5.03 -37.32 -0.03
N ALA A 371 4.33 -37.48 -1.13
CA ALA A 371 3.14 -36.68 -1.41
C ALA A 371 1.96 -37.29 -0.66
N VAL A 372 2.01 -37.14 0.67
CA VAL A 372 0.97 -37.63 1.57
C VAL A 372 1.04 -36.75 2.82
N GLU A 373 -0.13 -36.40 3.37
CA GLU A 373 -0.17 -35.54 4.56
C GLU A 373 0.46 -36.24 5.75
N PRO A 374 1.28 -35.50 6.54
CA PRO A 374 1.88 -36.11 7.72
C PRO A 374 0.83 -36.26 8.80
N ALA A 375 0.79 -37.44 9.43
CA ALA A 375 -0.12 -37.66 10.55
C ALA A 375 0.49 -37.09 11.83
N THR A 376 1.81 -37.28 11.98
CA THR A 376 2.52 -36.87 13.18
C THR A 376 3.82 -36.20 12.77
N VAL A 377 4.49 -35.60 13.75
CA VAL A 377 5.79 -34.96 13.53
C VAL A 377 6.82 -35.97 13.00
N ASP A 378 6.70 -37.23 13.41
CA ASP A 378 7.61 -38.26 12.97
C ASP A 378 7.59 -38.51 11.46
N ASP A 379 6.44 -38.31 10.83
CA ASP A 379 6.30 -38.43 9.37
C ASP A 379 7.10 -37.34 8.66
N VAL A 380 7.05 -36.11 9.20
CA VAL A 380 7.85 -35.00 8.64
C VAL A 380 9.34 -35.30 8.83
N LEU A 381 9.70 -35.76 10.01
CA LEU A 381 11.09 -36.08 10.34
C LEU A 381 11.62 -37.17 9.43
N ASP A 382 10.78 -38.16 9.12
CA ASP A 382 11.15 -39.25 8.21
C ASP A 382 11.34 -38.74 6.78
N ALA A 383 10.49 -37.82 6.33
CA ALA A 383 10.59 -37.24 4.99
C ALA A 383 11.89 -36.46 4.85
N GLN A 384 12.23 -35.71 5.90
CA GLN A 384 13.46 -34.92 5.93
C GLN A 384 14.69 -35.81 5.89
N ARG A 385 14.69 -36.89 6.67
CA ARG A 385 15.79 -37.84 6.67
C ARG A 385 16.00 -38.43 5.28
N TRP A 386 14.89 -38.82 4.63
CA TRP A 386 14.93 -39.37 3.29
C TRP A 386 15.53 -38.36 2.30
N ALA A 387 15.06 -37.11 2.37
CA ALA A 387 15.53 -36.07 1.45
C ALA A 387 17.03 -35.75 1.64
N ARG A 388 17.46 -35.69 2.90
CA ARG A 388 18.86 -35.40 3.22
C ARG A 388 19.78 -36.50 2.70
N GLU A 389 19.36 -37.74 2.90
CA GLU A 389 20.15 -38.86 2.41
C GLU A 389 20.19 -38.89 0.89
N ARG A 390 19.07 -38.59 0.26
CA ARG A 390 19.00 -38.53 -1.19
C ARG A 390 19.94 -37.43 -1.70
N ALA A 391 19.89 -36.27 -1.07
CA ALA A 391 20.73 -35.14 -1.47
C ALA A 391 22.22 -35.45 -1.31
N GLN A 392 22.56 -36.12 -0.19
CA GLN A 392 23.94 -36.50 0.10
C GLN A 392 24.50 -37.50 -0.93
N ARG A 393 23.67 -38.42 -1.40
CA ARG A 393 24.09 -39.36 -2.45
C ARG A 393 24.29 -38.64 -3.79
N ALA A 394 23.49 -37.60 -4.05
CA ALA A 394 23.69 -36.76 -5.22
C ALA A 394 25.02 -36.01 -5.10
N VAL A 395 25.34 -35.51 -3.92
CA VAL A 395 26.59 -34.78 -3.70
C VAL A 395 27.79 -35.71 -3.92
N SER A 396 27.74 -36.88 -3.30
CA SER A 396 28.81 -37.88 -3.37
C SER A 396 28.88 -38.59 -4.72
N GLY A 397 27.91 -38.33 -5.59
CA GLY A 397 27.90 -38.90 -6.94
C GLY A 397 27.96 -37.83 -8.01
N GLY B 20 -27.50 -4.94 -2.64
CA GLY B 20 -28.66 -4.46 -3.46
C GLY B 20 -28.24 -3.62 -4.65
N ARG B 21 -29.22 -3.23 -5.45
CA ARG B 21 -29.00 -2.39 -6.63
C ARG B 21 -29.10 -0.93 -6.23
N LEU B 22 -27.96 -0.24 -6.20
CA LEU B 22 -27.90 1.15 -5.74
C LEU B 22 -28.36 2.14 -6.80
N ARG B 23 -29.23 3.06 -6.40
CA ARG B 23 -29.75 4.10 -7.28
C ARG B 23 -28.80 5.29 -7.26
N VAL B 24 -28.31 5.67 -8.44
CA VAL B 24 -27.28 6.70 -8.57
C VAL B 24 -27.75 7.88 -9.42
N VAL B 25 -27.58 9.07 -8.87
CA VAL B 25 -27.74 10.32 -9.62
C VAL B 25 -26.35 10.77 -10.07
N VAL B 26 -26.18 10.98 -11.38
CA VAL B 26 -24.89 11.43 -11.91
C VAL B 26 -24.99 12.90 -12.31
N LEU B 27 -24.35 13.76 -11.52
CA LEU B 27 -24.24 15.18 -11.85
C LEU B 27 -22.98 15.40 -12.67
N GLY B 28 -23.13 16.06 -13.81
CA GLY B 28 -22.03 16.22 -14.77
C GLY B 28 -21.84 14.99 -15.62
N SER B 29 -22.94 14.41 -16.11
CA SER B 29 -22.95 13.12 -16.78
C SER B 29 -22.20 13.09 -18.12
N THR B 30 -22.10 14.26 -18.76
CA THR B 30 -21.53 14.35 -20.11
C THR B 30 -20.02 14.65 -20.09
N GLY B 31 -19.48 14.91 -18.91
CA GLY B 31 -18.07 15.26 -18.78
C GLY B 31 -17.18 14.03 -18.67
N SER B 32 -15.90 14.27 -18.42
CA SER B 32 -14.91 13.21 -18.30
C SER B 32 -15.28 12.16 -17.24
N ILE B 33 -15.49 12.60 -16.01
CA ILE B 33 -15.84 11.68 -14.92
C ILE B 33 -17.23 11.07 -15.14
N GLY B 34 -18.20 11.91 -15.53
CA GLY B 34 -19.57 11.42 -15.78
C GLY B 34 -19.69 10.31 -16.80
N THR B 35 -19.01 10.47 -17.93
N THR B 35 -19.02 10.46 -17.94
CA THR B 35 -19.03 9.47 -19.00
CA THR B 35 -19.08 9.44 -18.98
C THR B 35 -18.41 8.16 -18.53
C THR B 35 -18.43 8.14 -18.51
N GLN B 36 -17.32 8.26 -17.79
CA GLN B 36 -16.64 7.06 -17.25
C GLN B 36 -17.50 6.36 -16.21
N ALA B 37 -18.20 7.16 -15.39
CA ALA B 37 -19.12 6.62 -14.39
C ALA B 37 -20.28 5.87 -15.04
N LEU B 38 -20.84 6.41 -16.11
CA LEU B 38 -21.94 5.73 -16.82
C LEU B 38 -21.50 4.40 -17.40
N GLN B 39 -20.25 4.33 -17.84
CA GLN B 39 -19.68 3.07 -18.36
C GLN B 39 -19.57 2.03 -17.24
N VAL B 40 -19.06 2.44 -16.08
CA VAL B 40 -19.01 1.56 -14.90
C VAL B 40 -20.41 1.06 -14.54
N ILE B 41 -21.37 1.97 -14.53
CA ILE B 41 -22.77 1.61 -14.24
C ILE B 41 -23.34 0.64 -15.30
N ALA B 42 -23.11 0.94 -16.58
CA ALA B 42 -23.62 0.09 -17.66
C ALA B 42 -23.02 -1.31 -17.63
N ASP B 43 -21.75 -1.41 -17.23
CA ASP B 43 -21.07 -2.69 -17.11
C ASP B 43 -21.46 -3.49 -15.86
N ASN B 44 -22.09 -2.81 -14.90
CA ASN B 44 -22.47 -3.44 -13.64
C ASN B 44 -23.96 -3.24 -13.27
N PRO B 45 -24.87 -3.69 -14.14
CA PRO B 45 -26.31 -3.44 -13.91
C PRO B 45 -26.88 -4.11 -12.65
N ASP B 46 -26.24 -5.18 -12.18
CA ASP B 46 -26.65 -5.83 -10.92
C ASP B 46 -26.36 -4.97 -9.68
N ARG B 47 -25.34 -4.12 -9.78
CA ARG B 47 -24.88 -3.30 -8.65
C ARG B 47 -25.45 -1.88 -8.67
N PHE B 48 -25.60 -1.32 -9.87
CA PHE B 48 -25.94 0.11 -10.01
C PHE B 48 -27.03 0.36 -11.03
N GLU B 49 -27.77 1.44 -10.79
CA GLU B 49 -28.79 1.95 -11.71
C GLU B 49 -28.77 3.46 -11.71
N VAL B 50 -28.77 4.06 -12.90
CA VAL B 50 -28.87 5.51 -13.02
C VAL B 50 -30.32 5.93 -12.84
N VAL B 51 -30.54 6.93 -12.01
CA VAL B 51 -31.90 7.46 -11.79
C VAL B 51 -32.02 8.95 -12.09
N GLY B 52 -30.88 9.58 -12.41
CA GLY B 52 -30.86 11.00 -12.72
C GLY B 52 -29.59 11.39 -13.45
N LEU B 53 -29.71 12.35 -14.37
CA LEU B 53 -28.57 12.93 -15.09
C LEU B 53 -28.65 14.45 -15.07
N ALA B 54 -27.52 15.11 -14.78
CA ALA B 54 -27.43 16.57 -14.89
C ALA B 54 -26.24 17.00 -15.73
N ALA B 55 -26.42 18.02 -16.55
CA ALA B 55 -25.35 18.55 -17.38
C ALA B 55 -25.54 20.04 -17.61
N GLY B 56 -24.56 20.68 -18.23
CA GLY B 56 -24.64 22.12 -18.47
C GLY B 56 -25.44 22.50 -19.70
N GLY B 57 -25.42 21.66 -20.73
CA GLY B 57 -26.10 21.96 -22.00
C GLY B 57 -25.18 22.21 -23.19
N ALA B 58 -23.87 22.11 -22.97
CA ALA B 58 -22.89 22.33 -24.03
C ALA B 58 -22.73 21.13 -24.97
N HIS B 59 -23.16 19.95 -24.51
CA HIS B 59 -23.03 18.73 -25.30
C HIS B 59 -24.34 17.95 -25.36
N LEU B 60 -25.28 18.46 -26.14
CA LEU B 60 -26.62 17.88 -26.18
C LEU B 60 -26.68 16.54 -26.90
N ASP B 61 -25.88 16.38 -27.96
CA ASP B 61 -25.76 15.09 -28.64
C ASP B 61 -25.45 13.96 -27.66
N THR B 62 -24.49 14.21 -26.76
CA THR B 62 -24.10 13.25 -25.72
C THR B 62 -25.24 12.97 -24.75
N LEU B 63 -25.86 14.03 -24.23
CA LEU B 63 -26.96 13.91 -23.29
C LEU B 63 -28.17 13.18 -23.86
N LEU B 64 -28.52 13.49 -25.11
CA LEU B 64 -29.63 12.83 -25.80
C LEU B 64 -29.35 11.34 -26.00
N ARG B 65 -28.10 11.01 -26.30
CA ARG B 65 -27.66 9.62 -26.43
C ARG B 65 -27.79 8.91 -25.09
N GLN B 66 -27.40 9.60 -24.02
CA GLN B 66 -27.49 9.06 -22.66
C GLN B 66 -28.93 8.82 -22.24
N ARG B 67 -29.82 9.77 -22.57
CA ARG B 67 -31.25 9.61 -22.31
C ARG B 67 -31.77 8.34 -22.98
N ALA B 68 -31.42 8.16 -24.25
CA ALA B 68 -31.89 7.01 -25.02
C ALA B 68 -31.30 5.68 -24.54
N GLN B 69 -30.01 5.68 -24.20
CA GLN B 69 -29.31 4.45 -23.81
C GLN B 69 -29.64 3.96 -22.40
N THR B 70 -29.89 4.89 -21.48
CA THR B 70 -30.20 4.54 -20.09
C THR B 70 -31.70 4.46 -19.83
N GLY B 71 -32.48 5.12 -20.68
CA GLY B 71 -33.93 5.21 -20.50
C GLY B 71 -34.34 6.28 -19.50
N VAL B 72 -33.36 7.03 -18.99
CA VAL B 72 -33.58 8.03 -17.95
C VAL B 72 -34.08 9.35 -18.53
N THR B 73 -35.30 9.74 -18.16
CA THR B 73 -35.88 11.01 -18.59
C THR B 73 -35.74 12.06 -17.49
N ASN B 74 -35.37 11.61 -16.29
CA ASN B 74 -35.11 12.48 -15.16
C ASN B 74 -33.77 13.22 -15.32
N ILE B 75 -33.83 14.36 -16.01
CA ILE B 75 -32.63 15.07 -16.44
C ILE B 75 -32.68 16.55 -16.05
N ALA B 76 -31.52 17.08 -15.67
CA ALA B 76 -31.34 18.51 -15.46
C ALA B 76 -30.36 19.10 -16.48
N VAL B 77 -30.75 20.23 -17.07
CA VAL B 77 -29.87 20.98 -17.98
C VAL B 77 -29.76 22.44 -17.49
N ALA B 78 -28.54 22.91 -17.27
CA ALA B 78 -28.30 24.23 -16.69
C ALA B 78 -28.64 25.39 -17.64
N ASP B 79 -28.22 25.28 -18.90
CA ASP B 79 -28.44 26.36 -19.87
C ASP B 79 -29.86 26.33 -20.42
N GLU B 80 -30.55 27.47 -20.30
CA GLU B 80 -31.95 27.59 -20.70
C GLU B 80 -32.16 27.43 -22.21
N HIS B 81 -31.31 28.07 -23.00
CA HIS B 81 -31.37 27.97 -24.46
C HIS B 81 -31.14 26.53 -24.91
N ALA B 82 -30.21 25.84 -24.25
CA ALA B 82 -29.93 24.44 -24.52
C ALA B 82 -31.14 23.58 -24.14
N ALA B 83 -31.73 23.87 -22.99
CA ALA B 83 -32.92 23.16 -22.49
C ALA B 83 -34.13 23.34 -23.41
N GLN B 84 -34.21 24.50 -24.06
CA GLN B 84 -35.26 24.78 -25.04
C GLN B 84 -35.12 23.91 -26.27
N ARG B 85 -33.89 23.79 -26.78
CA ARG B 85 -33.60 23.03 -27.99
C ARG B 85 -33.99 21.56 -27.88
N VAL B 86 -33.74 20.95 -26.72
CA VAL B 86 -34.10 19.56 -26.46
C VAL B 86 -35.59 19.42 -26.08
N GLY B 87 -36.04 20.25 -25.15
CA GLY B 87 -37.42 20.20 -24.66
C GLY B 87 -37.71 18.99 -23.78
N ASP B 88 -38.84 19.04 -23.08
CA ASP B 88 -39.28 17.96 -22.18
C ASP B 88 -38.30 17.70 -21.04
N ILE B 89 -37.62 18.77 -20.61
CA ILE B 89 -36.60 18.67 -19.55
C ILE B 89 -37.21 19.07 -18.21
N PRO B 90 -37.27 18.12 -17.25
CA PRO B 90 -37.87 18.35 -15.93
C PRO B 90 -37.23 19.49 -15.15
N TYR B 91 -35.90 19.60 -15.25
CA TYR B 91 -35.16 20.59 -14.48
C TYR B 91 -34.24 21.40 -15.38
N HIS B 92 -34.43 22.72 -15.36
CA HIS B 92 -33.62 23.62 -16.19
C HIS B 92 -33.33 24.93 -15.47
N GLY B 93 -32.21 25.55 -15.81
CA GLY B 93 -31.79 26.79 -15.17
C GLY B 93 -30.63 26.58 -14.22
N SER B 94 -30.23 27.64 -13.53
CA SER B 94 -29.03 27.63 -12.69
C SER B 94 -29.09 26.65 -11.50
N ASP B 95 -30.28 26.42 -10.94
CA ASP B 95 -30.39 25.47 -9.83
C ASP B 95 -31.03 24.13 -10.21
N ALA B 96 -31.00 23.80 -11.50
CA ALA B 96 -31.54 22.54 -12.02
C ALA B 96 -30.89 21.31 -11.39
N ALA B 97 -29.56 21.32 -11.31
CA ALA B 97 -28.82 20.21 -10.69
C ALA B 97 -29.23 20.02 -9.22
N THR B 98 -29.29 21.11 -8.48
CA THR B 98 -29.68 21.08 -7.06
C THR B 98 -31.09 20.52 -6.86
N ARG B 99 -32.03 20.95 -7.69
CA ARG B 99 -33.43 20.49 -7.57
C ARG B 99 -33.60 19.03 -7.99
N LEU B 100 -32.82 18.60 -8.99
CA LEU B 100 -32.79 17.20 -9.36
C LEU B 100 -32.40 16.34 -8.17
N VAL B 101 -31.39 16.78 -7.42
CA VAL B 101 -30.92 16.10 -6.21
C VAL B 101 -31.98 16.11 -5.10
N GLU B 102 -32.55 17.29 -4.84
CA GLU B 102 -33.57 17.42 -3.80
C GLU B 102 -34.79 16.52 -4.03
N GLN B 103 -35.15 16.30 -5.29
CA GLN B 103 -36.42 15.64 -5.62
C GLN B 103 -36.30 14.19 -6.15
N THR B 104 -35.09 13.66 -6.24
CA THR B 104 -34.90 12.29 -6.71
C THR B 104 -34.52 11.38 -5.56
N GLU B 105 -35.22 10.25 -5.43
CA GLU B 105 -34.85 9.27 -4.42
C GLU B 105 -33.64 8.47 -4.93
N ALA B 106 -32.56 8.51 -4.16
CA ALA B 106 -31.30 7.88 -4.56
C ALA B 106 -30.52 7.37 -3.36
N ASP B 107 -29.60 6.44 -3.62
CA ASP B 107 -28.70 5.90 -2.62
C ASP B 107 -27.35 6.59 -2.67
N VAL B 108 -26.94 6.97 -3.87
CA VAL B 108 -25.66 7.64 -4.09
C VAL B 108 -25.86 8.82 -5.04
N VAL B 109 -25.26 9.96 -4.70
CA VAL B 109 -25.16 11.06 -5.64
C VAL B 109 -23.69 11.22 -6.01
N LEU B 110 -23.40 11.01 -7.30
CA LEU B 110 -22.07 11.30 -7.84
C LEU B 110 -22.02 12.75 -8.29
N ASN B 111 -21.28 13.57 -7.54
CA ASN B 111 -21.09 14.97 -7.92
C ASN B 111 -19.82 15.12 -8.75
N ALA B 112 -20.01 15.12 -10.07
CA ALA B 112 -18.91 15.30 -11.01
C ALA B 112 -19.11 16.60 -11.79
N LEU B 113 -19.69 17.58 -11.11
CA LEU B 113 -19.71 18.96 -11.63
C LEU B 113 -18.32 19.53 -11.48
N VAL B 114 -18.08 20.65 -12.15
CA VAL B 114 -16.78 21.32 -12.04
C VAL B 114 -16.97 22.67 -11.37
N GLY B 115 -16.05 22.99 -10.46
CA GLY B 115 -16.02 24.31 -9.83
C GLY B 115 -16.86 24.42 -8.58
N ALA B 116 -16.79 25.59 -7.95
CA ALA B 116 -17.53 25.87 -6.72
C ALA B 116 -19.05 25.89 -6.90
N LEU B 117 -19.53 25.96 -8.14
CA LEU B 117 -20.97 25.88 -8.43
C LEU B 117 -21.57 24.51 -8.04
N GLY B 118 -20.72 23.56 -7.71
CA GLY B 118 -21.16 22.26 -7.22
C GLY B 118 -21.53 22.26 -5.75
N LEU B 119 -21.33 23.41 -5.08
CA LEU B 119 -21.57 23.53 -3.64
C LEU B 119 -23.02 23.26 -3.21
N ARG B 120 -23.98 23.95 -3.83
CA ARG B 120 -25.38 23.70 -3.48
C ARG B 120 -25.86 22.26 -3.78
N PRO B 121 -25.48 21.70 -4.95
CA PRO B 121 -25.78 20.28 -5.13
C PRO B 121 -25.16 19.37 -4.06
N THR B 122 -23.95 19.70 -3.62
CA THR B 122 -23.27 18.91 -2.58
C THR B 122 -24.04 18.96 -1.25
N LEU B 123 -24.41 20.17 -0.84
CA LEU B 123 -25.18 20.35 0.39
C LEU B 123 -26.55 19.66 0.31
N ALA B 124 -27.21 19.79 -0.84
CA ALA B 124 -28.48 19.10 -1.09
C ALA B 124 -28.34 17.58 -1.03
N ALA B 125 -27.27 17.05 -1.62
CA ALA B 125 -27.01 15.61 -1.59
C ALA B 125 -26.87 15.12 -0.16
N LEU B 126 -26.14 15.88 0.66
CA LEU B 126 -25.87 15.48 2.03
C LEU B 126 -27.13 15.53 2.89
N LYS B 127 -28.03 16.45 2.56
CA LYS B 127 -29.29 16.58 3.29
C LYS B 127 -30.22 15.40 3.07
N THR B 128 -30.18 14.80 1.88
CA THR B 128 -31.03 13.63 1.55
C THR B 128 -30.59 12.39 2.33
N GLY B 129 -29.39 12.44 2.90
CA GLY B 129 -28.84 11.32 3.65
C GLY B 129 -28.11 10.29 2.80
N ALA B 130 -28.12 10.47 1.49
CA ALA B 130 -27.46 9.54 0.56
C ALA B 130 -25.94 9.67 0.66
N ARG B 131 -25.22 8.68 0.15
CA ARG B 131 -23.77 8.76 0.02
C ARG B 131 -23.45 9.84 -1.02
N LEU B 132 -22.46 10.66 -0.72
CA LEU B 132 -21.95 11.61 -1.70
C LEU B 132 -20.62 11.11 -2.24
N ALA B 133 -20.62 10.62 -3.48
CA ALA B 133 -19.41 10.21 -4.17
C ALA B 133 -18.90 11.49 -4.79
N LEU B 134 -17.84 12.03 -4.21
CA LEU B 134 -17.43 13.40 -4.55
C LEU B 134 -16.21 13.46 -5.46
N ALA B 135 -16.45 13.81 -6.73
CA ALA B 135 -15.36 14.12 -7.66
C ALA B 135 -15.09 15.62 -7.64
N ASN B 136 -16.16 16.39 -7.48
CA ASN B 136 -16.12 17.85 -7.46
C ASN B 136 -15.45 18.40 -6.19
N LYS B 137 -14.12 18.31 -6.14
CA LYS B 137 -13.34 18.72 -4.97
C LYS B 137 -13.55 20.18 -4.57
N GLU B 138 -13.84 21.04 -5.54
CA GLU B 138 -14.02 22.46 -5.29
C GLU B 138 -15.17 22.74 -4.34
N SER B 139 -16.22 21.91 -4.38
CA SER B 139 -17.35 22.15 -3.47
C SER B 139 -16.95 21.92 -2.01
N LEU B 140 -16.05 20.96 -1.77
CA LEU B 140 -15.55 20.75 -0.42
C LEU B 140 -14.53 21.80 -0.03
N VAL B 141 -13.65 22.16 -0.96
CA VAL B 141 -12.66 23.20 -0.70
C VAL B 141 -13.32 24.54 -0.37
N ALA B 142 -14.38 24.88 -1.10
CA ALA B 142 -15.11 26.13 -0.86
C ALA B 142 -15.98 26.05 0.40
N GLY B 143 -16.73 24.97 0.54
CA GLY B 143 -17.67 24.82 1.65
C GLY B 143 -16.97 24.65 2.98
N GLY B 144 -15.85 23.94 2.97
CA GLY B 144 -15.06 23.73 4.17
C GLY B 144 -15.88 23.13 5.30
N SER B 145 -15.77 23.71 6.49
CA SER B 145 -16.51 23.26 7.67
C SER B 145 -18.02 23.18 7.48
N LEU B 146 -18.58 24.05 6.64
CA LEU B 146 -20.01 23.99 6.32
C LEU B 146 -20.42 22.64 5.72
N VAL B 147 -19.63 22.13 4.79
CA VAL B 147 -19.89 20.83 4.19
C VAL B 147 -19.66 19.71 5.21
N LEU B 148 -18.59 19.84 6.00
CA LEU B 148 -18.27 18.85 7.03
C LEU B 148 -19.41 18.74 8.05
N ARG B 149 -19.96 19.89 8.45
CA ARG B 149 -21.08 19.91 9.41
C ARG B 149 -22.36 19.28 8.87
N ALA B 150 -22.48 19.21 7.55
CA ALA B 150 -23.67 18.67 6.90
C ALA B 150 -23.62 17.15 6.74
N ALA B 151 -22.46 16.56 7.01
CA ALA B 151 -22.22 15.15 6.68
C ALA B 151 -22.04 14.25 7.90
N ARG B 152 -22.53 13.03 7.79
CA ARG B 152 -22.31 11.99 8.80
C ARG B 152 -21.00 11.25 8.50
N PRO B 153 -20.41 10.58 9.50
CA PRO B 153 -19.14 9.88 9.26
C PRO B 153 -19.23 8.89 8.09
N GLY B 154 -18.32 9.03 7.13
CA GLY B 154 -18.32 8.17 5.95
C GLY B 154 -19.37 8.46 4.89
N GLN B 155 -20.12 9.55 5.05
CA GLN B 155 -21.14 9.89 4.06
C GLN B 155 -20.49 10.43 2.77
N ILE B 156 -19.42 11.22 2.93
CA ILE B 156 -18.63 11.68 1.79
C ILE B 156 -17.58 10.63 1.46
N VAL B 157 -17.64 10.12 0.23
CA VAL B 157 -16.65 9.14 -0.23
C VAL B 157 -15.91 9.74 -1.44
N PRO B 158 -14.58 9.88 -1.32
CA PRO B 158 -13.79 10.57 -2.35
C PRO B 158 -13.70 9.80 -3.66
N VAL B 159 -13.87 10.52 -4.77
CA VAL B 159 -13.64 9.97 -6.12
C VAL B 159 -12.25 10.41 -6.60
N ASP B 160 -11.78 11.55 -6.09
CA ASP B 160 -10.46 12.09 -6.44
C ASP B 160 -9.44 10.99 -6.19
N SER B 161 -8.58 10.74 -7.18
CA SER B 161 -7.72 9.55 -7.15
C SER B 161 -6.81 9.49 -5.92
N GLU B 162 -6.27 10.62 -5.50
CA GLU B 162 -5.35 10.67 -4.37
C GLU B 162 -6.10 10.33 -3.09
N HIS B 163 -7.32 10.83 -2.97
CA HIS B 163 -8.08 10.70 -1.73
C HIS B 163 -8.69 9.31 -1.61
N SER B 164 -9.08 8.74 -2.75
CA SER B 164 -9.46 7.34 -2.81
C SER B 164 -8.29 6.46 -2.35
N ALA B 165 -7.10 6.73 -2.87
CA ALA B 165 -5.90 6.01 -2.44
C ALA B 165 -5.67 6.14 -0.94
N LEU B 166 -5.71 7.36 -0.41
CA LEU B 166 -5.51 7.57 1.02
C LEU B 166 -6.52 6.80 1.87
N ALA B 167 -7.79 6.81 1.47
CA ALA B 167 -8.85 6.08 2.19
C ALA B 167 -8.53 4.60 2.23
N GLN B 168 -8.00 4.06 1.13
CA GLN B 168 -7.63 2.64 1.09
C GLN B 168 -6.44 2.34 1.99
N CYS B 169 -5.43 3.24 1.96
CA CYS B 169 -4.22 3.05 2.74
C CYS B 169 -4.45 3.21 4.24
N LEU B 170 -5.50 3.95 4.60
CA LEU B 170 -5.81 4.23 6.01
C LEU B 170 -6.53 3.07 6.71
N ARG B 171 -6.89 2.05 5.94
CA ARG B 171 -7.31 0.79 6.53
C ARG B 171 -6.09 0.11 7.17
N GLY B 172 -4.91 0.69 6.95
CA GLY B 172 -3.63 0.11 7.39
C GLY B 172 -3.18 0.38 8.82
N GLY B 173 -3.98 1.13 9.58
CA GLY B 173 -3.68 1.45 10.98
C GLY B 173 -4.82 2.16 11.68
N THR B 174 -4.62 2.47 12.96
CA THR B 174 -5.59 3.26 13.72
C THR B 174 -5.26 4.76 13.56
N PRO B 175 -6.21 5.66 13.93
CA PRO B 175 -5.96 7.10 13.77
C PRO B 175 -4.68 7.65 14.40
N ASP B 176 -4.36 7.23 15.62
CA ASP B 176 -3.16 7.70 16.33
C ASP B 176 -1.84 7.13 15.78
N GLU B 177 -1.95 6.22 14.81
CA GLU B 177 -0.78 5.58 14.22
C GLU B 177 -0.34 6.27 12.92
N VAL B 178 -1.10 7.26 12.48
CA VAL B 178 -0.79 7.96 11.23
C VAL B 178 0.23 9.08 11.44
N ALA B 179 1.38 9.00 10.75
CA ALA B 179 2.44 10.01 10.88
C ALA B 179 2.35 11.09 9.80
N LYS B 180 2.16 10.66 8.56
CA LYS B 180 2.12 11.57 7.40
C LYS B 180 1.16 11.02 6.36
N LEU B 181 0.46 11.91 5.67
CA LEU B 181 -0.24 11.54 4.43
C LEU B 181 0.60 12.12 3.29
N VAL B 182 0.87 11.30 2.28
CA VAL B 182 1.75 11.71 1.19
C VAL B 182 0.99 11.68 -0.14
N LEU B 183 0.72 12.88 -0.67
N LEU B 183 0.73 12.88 -0.66
CA LEU B 183 0.01 13.00 -1.95
CA LEU B 183 0.07 13.04 -1.94
C LEU B 183 1.02 13.02 -3.09
C LEU B 183 1.12 12.89 -3.03
N THR B 184 0.77 12.18 -4.09
CA THR B 184 1.58 12.19 -5.31
C THR B 184 1.03 13.23 -6.27
N ALA B 185 1.94 13.84 -7.01
CA ALA B 185 1.62 14.81 -8.06
C ALA B 185 2.39 14.42 -9.30
N SER B 186 1.76 14.50 -10.47
CA SER B 186 2.46 14.13 -11.71
C SER B 186 3.56 15.14 -12.01
N GLY B 187 3.39 16.36 -11.52
CA GLY B 187 4.25 17.47 -11.89
C GLY B 187 3.68 18.27 -13.07
N GLY B 188 2.73 17.67 -13.77
CA GLY B 188 2.10 18.28 -14.96
C GLY B 188 3.04 18.37 -16.15
N PRO B 189 2.59 19.03 -17.22
CA PRO B 189 3.39 19.13 -18.44
C PRO B 189 4.62 20.01 -18.28
N PHE B 190 4.65 20.83 -17.23
CA PHE B 190 5.76 21.75 -17.02
C PHE B 190 6.73 21.35 -15.91
N ARG B 191 6.68 20.07 -15.53
CA ARG B 191 7.66 19.54 -14.59
C ARG B 191 9.07 19.80 -15.12
N GLY B 192 9.92 20.38 -14.28
CA GLY B 192 11.31 20.66 -14.64
C GLY B 192 11.55 21.97 -15.38
N TRP B 193 10.46 22.66 -15.73
CA TRP B 193 10.56 23.97 -16.39
C TRP B 193 10.99 25.06 -15.41
N SER B 194 11.68 26.07 -15.93
CA SER B 194 12.06 27.23 -15.11
C SER B 194 10.92 28.22 -15.04
N ALA B 195 11.01 29.17 -14.11
CA ALA B 195 10.02 30.25 -14.03
C ALA B 195 9.97 31.03 -15.36
N ALA B 196 11.15 31.28 -15.94
CA ALA B 196 11.24 31.92 -17.25
C ALA B 196 10.49 31.17 -18.35
N ASP B 197 10.65 29.83 -18.38
CA ASP B 197 9.90 28.98 -19.31
C ASP B 197 8.40 29.16 -19.17
N LEU B 198 7.91 29.27 -17.93
CA LEU B 198 6.47 29.37 -17.70
C LEU B 198 5.85 30.60 -18.32
N GLU B 199 6.65 31.65 -18.49
CA GLU B 199 6.15 32.91 -19.05
C GLU B 199 5.51 32.73 -20.43
N HIS B 200 5.96 31.73 -21.17
CA HIS B 200 5.57 31.55 -22.56
C HIS B 200 4.56 30.44 -22.79
N VAL B 201 4.03 29.90 -21.70
CA VAL B 201 3.05 28.82 -21.78
C VAL B 201 1.76 29.26 -22.49
N THR B 202 1.26 28.41 -23.39
CA THR B 202 0.01 28.66 -24.10
C THR B 202 -1.09 27.76 -23.52
N PRO B 203 -2.37 28.12 -23.73
CA PRO B 203 -3.44 27.21 -23.31
C PRO B 203 -3.34 25.81 -23.95
N GLU B 204 -2.88 25.73 -25.20
CA GLU B 204 -2.67 24.42 -25.86
C GLU B 204 -1.67 23.57 -25.06
N GLN B 205 -0.58 24.19 -24.63
CA GLN B 205 0.45 23.47 -23.88
C GLN B 205 -0.08 23.03 -22.53
N ALA B 206 -0.82 23.92 -21.86
CA ALA B 206 -1.35 23.65 -20.52
C ALA B 206 -2.44 22.59 -20.57
N GLY B 207 -3.11 22.49 -21.71
CA GLY B 207 -4.22 21.58 -21.93
C GLY B 207 -3.85 20.15 -22.25
N ALA B 208 -2.54 19.85 -22.31
CA ALA B 208 -2.04 18.51 -22.61
C ALA B 208 -1.34 17.90 -21.39
N HIS B 209 -2.06 17.06 -20.66
CA HIS B 209 -1.53 16.46 -19.44
C HIS B 209 -0.73 15.18 -19.77
N PRO B 210 0.41 14.97 -19.08
CA PRO B 210 1.27 13.81 -19.40
C PRO B 210 0.68 12.44 -19.07
N THR B 211 -0.21 12.36 -18.08
CA THR B 211 -0.66 11.03 -17.58
C THR B 211 -2.17 10.80 -17.48
N TRP B 212 -2.96 11.86 -17.42
CA TRP B 212 -4.40 11.73 -17.26
C TRP B 212 -5.19 12.46 -18.35
N SER B 213 -6.30 11.85 -18.78
CA SER B 213 -7.22 12.50 -19.72
C SER B 213 -8.42 13.03 -18.94
N MET B 214 -8.57 14.35 -18.90
CA MET B 214 -9.56 14.99 -18.01
C MET B 214 -10.21 16.17 -18.71
N GLY B 215 -11.22 16.74 -18.07
CA GLY B 215 -11.84 17.99 -18.54
C GLY B 215 -10.85 19.15 -18.48
N PRO B 216 -11.19 20.27 -19.13
CA PRO B 216 -10.23 21.38 -19.26
C PRO B 216 -9.81 22.03 -17.94
N MET B 217 -10.72 22.12 -16.97
CA MET B 217 -10.39 22.80 -15.73
C MET B 217 -9.39 22.02 -14.88
N ASN B 218 -9.65 20.72 -14.67
CA ASN B 218 -8.68 19.94 -13.91
C ASN B 218 -7.36 19.87 -14.65
N THR B 219 -7.41 19.84 -15.97
CA THR B 219 -6.19 19.78 -16.78
C THR B 219 -5.34 21.04 -16.57
N LEU B 220 -5.97 22.21 -16.69
CA LEU B 220 -5.28 23.47 -16.43
C LEU B 220 -4.75 23.58 -14.99
N ASN B 221 -5.59 23.22 -14.03
CA ASN B 221 -5.20 23.28 -12.63
C ASN B 221 -4.03 22.33 -12.32
N SER B 222 -3.97 21.20 -13.01
CA SER B 222 -2.86 20.27 -12.82
C SER B 222 -1.55 20.86 -13.34
N ALA B 223 -1.62 21.59 -14.47
CA ALA B 223 -0.43 22.24 -15.04
C ALA B 223 0.12 23.35 -14.16
N SER B 224 -0.77 24.09 -13.50
CA SER B 224 -0.37 25.21 -12.65
C SER B 224 -0.02 24.80 -11.22
N LEU B 225 -0.30 23.54 -10.90
CA LEU B 225 -0.15 22.96 -9.55
C LEU B 225 -1.22 23.40 -8.56
N VAL B 226 -2.15 24.22 -9.02
CA VAL B 226 -3.31 24.58 -8.17
C VAL B 226 -4.14 23.34 -7.86
N ASN B 227 -4.20 22.39 -8.79
CA ASN B 227 -4.90 21.14 -8.51
C ASN B 227 -4.35 20.49 -7.24
N LYS B 228 -3.02 20.42 -7.14
CA LYS B 228 -2.41 19.77 -5.97
C LYS B 228 -2.68 20.57 -4.71
N GLY B 229 -2.72 21.90 -4.82
CA GLY B 229 -3.05 22.74 -3.66
C GLY B 229 -4.47 22.48 -3.17
N LEU B 230 -5.40 22.40 -4.11
CA LEU B 230 -6.79 22.08 -3.79
C LEU B 230 -6.87 20.71 -3.12
N GLU B 231 -6.05 19.77 -3.60
CA GLU B 231 -6.04 18.43 -3.04
C GLU B 231 -5.43 18.35 -1.63
N VAL B 232 -4.51 19.26 -1.32
CA VAL B 232 -3.93 19.34 0.04
C VAL B 232 -5.03 19.81 1.00
N ILE B 233 -5.79 20.82 0.59
CA ILE B 233 -6.93 21.27 1.41
C ILE B 233 -7.98 20.16 1.55
N GLU B 234 -8.28 19.48 0.45
CA GLU B 234 -9.26 18.40 0.42
C GLU B 234 -8.86 17.30 1.42
N THR B 235 -7.56 17.00 1.44
CA THR B 235 -7.00 16.00 2.36
C THR B 235 -7.22 16.38 3.83
N HIS B 236 -6.87 17.62 4.18
CA HIS B 236 -7.09 18.12 5.55
C HIS B 236 -8.57 18.01 5.96
N LEU B 237 -9.45 18.39 5.06
CA LEU B 237 -10.89 18.38 5.34
C LEU B 237 -11.47 16.97 5.47
N LEU B 238 -11.15 16.09 4.52
CA LEU B 238 -11.69 14.73 4.50
C LEU B 238 -11.18 13.85 5.63
N PHE B 239 -9.90 14.01 5.97
CA PHE B 239 -9.22 13.06 6.85
C PHE B 239 -8.83 13.62 8.24
N GLY B 240 -9.01 14.93 8.41
CA GLY B 240 -8.72 15.59 9.70
C GLY B 240 -7.28 15.51 10.16
N ILE B 241 -6.36 15.54 9.20
CA ILE B 241 -4.93 15.52 9.48
C ILE B 241 -4.40 16.95 9.28
N PRO B 242 -3.55 17.44 10.20
CA PRO B 242 -3.02 18.80 10.11
C PRO B 242 -2.14 19.02 8.88
N TYR B 243 -2.11 20.26 8.40
CA TYR B 243 -1.37 20.61 7.19
C TYR B 243 0.11 20.27 7.22
N ASP B 244 0.73 20.36 8.40
CA ASP B 244 2.15 20.05 8.54
C ASP B 244 2.43 18.54 8.51
N ARG B 245 1.38 17.74 8.40
CA ARG B 245 1.54 16.29 8.22
C ARG B 245 0.99 15.83 6.88
N ILE B 246 0.79 16.79 5.96
CA ILE B 246 0.38 16.46 4.59
C ILE B 246 1.51 16.87 3.65
N ASP B 247 2.11 15.87 3.02
CA ASP B 247 3.26 16.08 2.14
C ASP B 247 2.85 15.86 0.69
N VAL B 248 3.60 16.48 -0.21
CA VAL B 248 3.45 16.27 -1.64
C VAL B 248 4.79 15.79 -2.19
N VAL B 249 4.75 14.76 -3.04
CA VAL B 249 5.92 14.28 -3.74
C VAL B 249 5.59 14.20 -5.23
N VAL B 250 6.52 14.59 -6.10
CA VAL B 250 6.29 14.42 -7.53
C VAL B 250 6.63 13.01 -7.98
N HIS B 251 5.66 12.38 -8.66
CA HIS B 251 5.77 11.01 -9.14
C HIS B 251 5.28 11.04 -10.59
N PRO B 252 6.22 11.13 -11.55
CA PRO B 252 5.81 11.42 -12.93
C PRO B 252 4.94 10.37 -13.61
N GLN B 253 4.99 9.12 -13.16
CA GLN B 253 4.19 8.05 -13.76
C GLN B 253 2.72 8.07 -13.38
N SER B 254 2.39 8.73 -12.27
CA SER B 254 1.02 8.73 -11.71
C SER B 254 0.47 7.31 -11.52
N ILE B 255 1.34 6.38 -11.14
CA ILE B 255 0.90 5.00 -10.89
C ILE B 255 0.61 4.84 -9.39
N ILE B 256 1.53 5.30 -8.55
CA ILE B 256 1.23 5.44 -7.12
C ILE B 256 0.31 6.64 -6.97
N HIS B 257 -0.87 6.42 -6.39
CA HIS B 257 -1.86 7.49 -6.34
C HIS B 257 -1.84 8.31 -5.06
N SER B 258 -1.21 7.76 -4.02
CA SER B 258 -0.88 8.42 -2.75
C SER B 258 -0.46 7.37 -1.73
N MET B 259 0.00 7.82 -0.56
CA MET B 259 0.63 6.94 0.42
C MET B 259 0.37 7.45 1.83
N VAL B 260 0.42 6.54 2.80
CA VAL B 260 0.32 6.92 4.21
C VAL B 260 1.56 6.38 4.92
N THR B 261 2.23 7.23 5.70
CA THR B 261 3.35 6.77 6.52
C THR B 261 2.90 6.67 7.97
N PHE B 262 3.17 5.52 8.59
CA PHE B 262 2.74 5.25 9.97
C PHE B 262 3.86 5.52 10.98
N ILE B 263 3.50 5.58 12.26
CA ILE B 263 4.44 5.96 13.33
C ILE B 263 5.60 4.99 13.55
N ASP B 264 5.47 3.76 13.06
CA ASP B 264 6.53 2.77 13.17
C ASP B 264 7.58 2.85 12.04
N GLY B 265 7.27 3.63 11.01
CA GLY B 265 8.16 3.77 9.85
C GLY B 265 7.63 3.07 8.60
N SER B 266 6.51 2.37 8.73
CA SER B 266 5.91 1.68 7.59
C SER B 266 5.13 2.66 6.71
N THR B 267 5.25 2.51 5.40
CA THR B 267 4.42 3.26 4.45
C THR B 267 3.53 2.28 3.68
N ILE B 268 2.26 2.64 3.54
CA ILE B 268 1.34 1.88 2.71
C ILE B 268 0.95 2.76 1.54
N ALA B 269 1.02 2.20 0.34
CA ALA B 269 0.74 2.94 -0.90
C ALA B 269 -0.32 2.24 -1.75
N GLN B 270 -1.08 3.02 -2.51
CA GLN B 270 -2.04 2.44 -3.47
C GLN B 270 -1.58 2.77 -4.90
N ALA B 271 -1.64 1.78 -5.77
CA ALA B 271 -1.07 1.91 -7.12
C ALA B 271 -1.94 1.23 -8.17
N SER B 272 -2.00 1.84 -9.35
CA SER B 272 -2.66 1.23 -10.51
C SER B 272 -2.36 2.09 -11.74
N PRO B 273 -2.40 1.50 -12.94
CA PRO B 273 -2.31 2.33 -14.15
C PRO B 273 -3.40 3.40 -14.09
N PRO B 274 -3.07 4.66 -14.45
CA PRO B 274 -4.05 5.74 -14.25
C PRO B 274 -5.36 5.51 -15.00
N ASP B 275 -6.45 5.31 -14.27
CA ASP B 275 -7.76 5.08 -14.86
C ASP B 275 -8.80 5.45 -13.80
N MET B 276 -9.56 6.51 -14.04
CA MET B 276 -10.53 6.98 -13.05
C MET B 276 -11.68 6.02 -12.75
N LYS B 277 -11.90 5.03 -13.62
CA LYS B 277 -12.95 4.04 -13.37
C LYS B 277 -12.71 3.29 -12.06
N LEU B 278 -11.45 3.15 -11.67
CA LEU B 278 -11.14 2.49 -10.41
C LEU B 278 -11.68 3.27 -9.19
N PRO B 279 -11.23 4.53 -8.98
CA PRO B 279 -11.80 5.26 -7.82
C PRO B 279 -13.30 5.57 -7.98
N ILE B 280 -13.78 5.74 -9.21
CA ILE B 280 -15.23 5.90 -9.42
C ILE B 280 -15.98 4.67 -8.88
N SER B 281 -15.55 3.48 -9.29
CA SER B 281 -16.25 2.24 -8.92
C SER B 281 -16.25 2.03 -7.41
N LEU B 282 -15.12 2.34 -6.78
CA LEU B 282 -14.97 2.17 -5.34
C LEU B 282 -15.88 3.13 -4.57
N ALA B 283 -16.05 4.35 -5.08
CA ALA B 283 -16.88 5.33 -4.42
C ALA B 283 -18.36 4.97 -4.54
N LEU B 284 -18.75 4.46 -5.70
CA LEU B 284 -20.16 4.10 -5.96
C LEU B 284 -20.62 2.94 -5.07
N GLY B 285 -19.78 1.91 -4.96
CA GLY B 285 -20.12 0.72 -4.19
C GLY B 285 -19.46 0.60 -2.82
N TRP B 286 -18.89 1.70 -2.32
CA TRP B 286 -18.17 1.72 -1.05
C TRP B 286 -18.98 1.01 0.05
N PRO B 287 -18.32 0.15 0.85
CA PRO B 287 -16.90 -0.18 0.82
C PRO B 287 -16.52 -1.34 -0.11
N ARG B 288 -17.50 -1.90 -0.82
CA ARG B 288 -17.26 -3.06 -1.69
C ARG B 288 -16.50 -2.67 -2.96
N ARG B 289 -15.58 -3.55 -3.35
CA ARG B 289 -14.84 -3.35 -4.59
C ARG B 289 -15.64 -3.89 -5.76
N VAL B 290 -15.43 -3.31 -6.94
CA VAL B 290 -16.15 -3.72 -8.13
C VAL B 290 -15.22 -4.50 -9.03
N SER B 291 -15.50 -5.79 -9.18
CA SER B 291 -14.66 -6.68 -9.98
C SER B 291 -14.42 -6.16 -11.40
N GLY B 292 -13.15 -6.10 -11.78
CA GLY B 292 -12.74 -5.72 -13.15
C GLY B 292 -12.98 -4.28 -13.54
N ALA B 293 -13.07 -3.38 -12.56
CA ALA B 293 -13.29 -1.96 -12.82
C ALA B 293 -12.19 -1.35 -13.70
N ALA B 294 -10.94 -1.74 -13.44
CA ALA B 294 -9.79 -1.21 -14.15
C ALA B 294 -8.65 -2.23 -14.20
N ALA B 295 -7.68 -1.98 -15.08
CA ALA B 295 -6.51 -2.83 -15.22
C ALA B 295 -5.58 -2.72 -14.01
N ALA B 296 -4.97 -3.85 -13.63
CA ALA B 296 -3.97 -3.84 -12.57
C ALA B 296 -2.56 -3.62 -13.14
N CYS B 297 -1.66 -3.15 -12.28
CA CYS B 297 -0.23 -3.07 -12.63
C CYS B 297 0.27 -4.43 -13.11
N ASP B 298 1.11 -4.40 -14.14
CA ASP B 298 1.70 -5.61 -14.69
C ASP B 298 3.12 -5.78 -14.18
N PHE B 299 3.29 -6.70 -13.23
CA PHE B 299 4.59 -6.92 -12.62
C PHE B 299 5.39 -7.99 -13.34
N HIS B 300 4.94 -8.35 -14.54
CA HIS B 300 5.71 -9.25 -15.40
C HIS B 300 6.44 -8.53 -16.51
N THR B 301 6.36 -7.20 -16.50
CA THR B 301 7.03 -6.32 -17.46
C THR B 301 7.83 -5.31 -16.66
N ALA B 302 9.09 -5.08 -17.04
CA ALA B 302 9.95 -4.14 -16.34
C ALA B 302 9.33 -2.74 -16.23
N SER B 303 9.43 -2.14 -15.06
CA SER B 303 8.91 -0.81 -14.84
C SER B 303 9.73 -0.04 -13.79
N SER B 304 9.56 1.27 -13.76
CA SER B 304 10.13 2.06 -12.67
C SER B 304 9.15 3.13 -12.20
N TRP B 305 9.10 3.31 -10.88
CA TRP B 305 8.28 4.34 -10.27
C TRP B 305 9.22 5.34 -9.67
N GLU B 306 9.14 6.59 -10.14
CA GLU B 306 10.11 7.60 -9.75
C GLU B 306 9.51 8.62 -8.80
N PHE B 307 10.35 9.14 -7.92
CA PHE B 307 9.96 10.20 -6.99
C PHE B 307 10.95 11.32 -7.05
N GLU B 308 10.44 12.55 -6.95
CA GLU B 308 11.34 13.70 -6.83
C GLU B 308 10.59 14.79 -6.07
N PRO B 309 11.34 15.71 -5.42
CA PRO B 309 10.71 16.85 -4.74
C PRO B 309 10.00 17.78 -5.72
N LEU B 310 8.91 18.38 -5.25
CA LEU B 310 8.25 19.46 -5.99
C LEU B 310 9.18 20.68 -6.00
N ASP B 311 9.25 21.37 -7.14
CA ASP B 311 10.01 22.61 -7.20
C ASP B 311 9.13 23.75 -6.70
N THR B 312 9.18 23.98 -5.39
CA THR B 312 8.29 24.94 -4.73
C THR B 312 8.58 26.41 -5.09
N ASP B 313 9.81 26.69 -5.54
CA ASP B 313 10.18 28.04 -6.01
C ASP B 313 9.43 28.38 -7.30
N VAL B 314 9.40 27.44 -8.24
CA VAL B 314 8.73 27.64 -9.52
C VAL B 314 7.22 27.45 -9.41
N PHE B 315 6.80 26.56 -8.52
CA PHE B 315 5.38 26.21 -8.35
C PHE B 315 4.92 26.41 -6.92
N PRO B 316 4.61 27.66 -6.55
CA PRO B 316 4.21 27.95 -5.15
C PRO B 316 2.74 27.68 -4.82
N ALA B 317 1.97 27.13 -5.76
CA ALA B 317 0.53 26.96 -5.57
C ALA B 317 0.19 26.08 -4.36
N VAL B 318 1.04 25.10 -4.06
CA VAL B 318 0.76 24.21 -2.93
C VAL B 318 1.03 24.93 -1.61
N GLU B 319 2.15 25.66 -1.54
CA GLU B 319 2.46 26.48 -0.36
C GLU B 319 1.35 27.50 -0.09
N LEU B 320 0.81 28.09 -1.14
CA LEU B 320 -0.28 29.06 -1.00
C LEU B 320 -1.55 28.38 -0.48
N ALA B 321 -1.81 27.17 -0.95
CA ALA B 321 -2.95 26.39 -0.47
C ALA B 321 -2.81 26.09 1.00
N ARG B 322 -1.58 25.75 1.42
CA ARG B 322 -1.28 25.49 2.83
C ARG B 322 -1.57 26.74 3.66
N GLN B 323 -1.11 27.89 3.19
CA GLN B 323 -1.34 29.17 3.87
C GLN B 323 -2.83 29.45 4.04
N ALA B 324 -3.59 29.28 2.97
CA ALA B 324 -5.06 29.47 3.00
C ALA B 324 -5.75 28.47 3.92
N GLY B 325 -5.24 27.24 3.93
CA GLY B 325 -5.83 26.18 4.75
C GLY B 325 -5.60 26.41 6.23
N VAL B 326 -4.40 26.86 6.57
CA VAL B 326 -4.02 27.15 7.96
C VAL B 326 -4.78 28.37 8.48
N ALA B 327 -5.00 29.35 7.61
CA ALA B 327 -5.84 30.49 7.96
C ALA B 327 -7.28 30.02 8.22
N GLY B 328 -7.75 29.08 7.40
CA GLY B 328 -9.03 28.41 7.60
C GLY B 328 -10.25 29.26 7.30
N GLY B 329 -11.41 28.78 7.73
CA GLY B 329 -12.67 29.50 7.56
C GLY B 329 -13.10 29.58 6.11
N CYS B 330 -13.17 30.80 5.59
CA CYS B 330 -13.55 31.03 4.21
C CYS B 330 -12.34 31.23 3.30
N MET B 331 -11.13 31.19 3.86
CA MET B 331 -9.90 31.44 3.10
C MET B 331 -9.72 30.43 1.96
N THR B 332 -10.14 29.19 2.19
CA THR B 332 -10.02 28.17 1.14
C THR B 332 -10.99 28.40 -0.02
N ALA B 333 -12.16 28.97 0.27
CA ALA B 333 -13.09 29.39 -0.78
C ALA B 333 -12.49 30.55 -1.58
N VAL B 334 -11.74 31.41 -0.89
CA VAL B 334 -11.05 32.56 -1.51
C VAL B 334 -9.98 32.04 -2.48
N TYR B 335 -9.16 31.13 -1.99
CA TYR B 335 -8.13 30.46 -2.81
C TYR B 335 -8.73 29.93 -4.10
N ASN B 336 -9.79 29.13 -3.98
CA ASN B 336 -10.39 28.52 -5.15
C ASN B 336 -11.06 29.51 -6.09
N ALA B 337 -11.74 30.49 -5.52
CA ALA B 337 -12.46 31.47 -6.34
C ALA B 337 -11.51 32.37 -7.12
N ALA B 338 -10.40 32.75 -6.50
CA ALA B 338 -9.37 33.54 -7.16
C ALA B 338 -8.79 32.73 -8.32
N ASN B 339 -8.58 31.44 -8.09
CA ASN B 339 -8.14 30.56 -9.18
C ASN B 339 -9.14 30.48 -10.33
N GLU B 340 -10.42 30.28 -10.01
CA GLU B 340 -11.44 30.13 -11.05
C GLU B 340 -11.44 31.36 -11.97
N GLU B 341 -11.31 32.55 -11.38
CA GLU B 341 -11.29 33.81 -12.14
C GLU B 341 -10.01 33.94 -12.96
N ALA B 342 -8.86 33.70 -12.32
CA ALA B 342 -7.56 33.88 -12.98
C ALA B 342 -7.32 32.84 -14.06
N ALA B 343 -7.68 31.59 -13.78
CA ALA B 343 -7.56 30.52 -14.75
C ALA B 343 -8.42 30.79 -16.00
N ALA B 344 -9.65 31.28 -15.79
CA ALA B 344 -10.53 31.65 -16.90
C ALA B 344 -9.92 32.82 -17.68
N ALA B 345 -9.25 33.73 -16.98
CA ALA B 345 -8.60 34.87 -17.61
C ALA B 345 -7.43 34.42 -18.49
N PHE B 346 -6.67 33.43 -18.03
CA PHE B 346 -5.60 32.87 -18.84
C PHE B 346 -6.13 32.19 -20.11
N LEU B 347 -7.16 31.37 -19.97
CA LEU B 347 -7.77 30.70 -21.11
C LEU B 347 -8.34 31.72 -22.12
N ALA B 348 -8.73 32.88 -21.64
CA ALA B 348 -9.29 33.95 -22.48
C ALA B 348 -8.21 34.82 -23.11
N GLY B 349 -6.95 34.57 -22.76
CA GLY B 349 -5.81 35.36 -23.25
C GLY B 349 -5.66 36.72 -22.61
N ARG B 350 -6.24 36.89 -21.41
N ARG B 350 -6.23 36.88 -21.41
CA ARG B 350 -6.19 38.16 -20.70
CA ARG B 350 -6.19 38.15 -20.70
C ARG B 350 -4.95 38.31 -19.81
C ARG B 350 -4.96 38.31 -19.80
N ILE B 351 -4.38 37.18 -19.38
CA ILE B 351 -3.16 37.19 -18.58
C ILE B 351 -2.26 36.06 -19.06
N GLY B 352 -0.98 36.14 -18.72
CA GLY B 352 -0.03 35.05 -18.98
C GLY B 352 -0.20 33.95 -17.95
N PHE B 353 0.40 32.80 -18.23
CA PHE B 353 0.30 31.64 -17.33
C PHE B 353 0.79 31.86 -15.88
N PRO B 354 1.97 32.51 -15.68
CA PRO B 354 2.47 32.73 -14.31
C PRO B 354 1.55 33.58 -13.44
N ALA B 355 0.73 34.41 -14.09
CA ALA B 355 -0.18 35.31 -13.39
C ALA B 355 -1.36 34.60 -12.74
N ILE B 356 -1.61 33.34 -13.10
CA ILE B 356 -2.69 32.61 -12.45
C ILE B 356 -2.37 32.51 -10.97
N VAL B 357 -1.24 31.90 -10.65
CA VAL B 357 -0.81 31.76 -9.26
C VAL B 357 -0.37 33.12 -8.67
N GLY B 358 0.11 34.02 -9.53
CA GLY B 358 0.43 35.39 -9.11
C GLY B 358 -0.79 36.09 -8.52
N ILE B 359 -1.91 36.01 -9.24
CA ILE B 359 -3.16 36.63 -8.83
C ILE B 359 -3.75 35.95 -7.58
N ILE B 360 -3.70 34.63 -7.54
CA ILE B 360 -4.14 33.91 -6.33
C ILE B 360 -3.42 34.47 -5.10
N ALA B 361 -2.09 34.63 -5.20
CA ALA B 361 -1.29 35.10 -4.08
C ALA B 361 -1.68 36.51 -3.65
N ASP B 362 -1.86 37.40 -4.63
CA ASP B 362 -2.27 38.78 -4.36
C ASP B 362 -3.64 38.89 -3.71
N VAL B 363 -4.60 38.09 -4.17
CA VAL B 363 -5.94 38.04 -3.59
C VAL B 363 -5.89 37.51 -2.16
N LEU B 364 -5.14 36.42 -1.94
CA LEU B 364 -4.99 35.86 -0.60
C LEU B 364 -4.36 36.84 0.38
N HIS B 365 -3.33 37.56 -0.07
CA HIS B 365 -2.58 38.50 0.77
C HIS B 365 -3.46 39.64 1.28
N ALA B 366 -4.56 39.90 0.59
CA ALA B 366 -5.49 40.97 0.96
C ALA B 366 -6.80 40.45 1.57
N ALA B 367 -6.82 39.16 1.92
CA ALA B 367 -8.07 38.49 2.29
C ALA B 367 -8.24 38.19 3.78
N ASP B 368 -7.47 38.87 4.63
CA ASP B 368 -7.48 38.62 6.08
C ASP B 368 -8.87 38.50 6.72
N GLN B 369 -9.81 39.34 6.28
CA GLN B 369 -11.17 39.36 6.84
C GLN B 369 -11.92 38.03 6.68
N TRP B 370 -11.49 37.19 5.74
CA TRP B 370 -12.21 35.95 5.46
C TRP B 370 -11.71 34.73 6.23
N ALA B 371 -10.83 34.97 7.21
CA ALA B 371 -10.33 33.90 8.07
C ALA B 371 -11.28 33.62 9.24
N VAL B 372 -12.57 33.55 8.93
CA VAL B 372 -13.62 33.31 9.91
C VAL B 372 -14.52 32.19 9.41
N GLU B 373 -14.94 31.31 10.32
CA GLU B 373 -15.76 30.15 9.96
C GLU B 373 -17.13 30.58 9.42
N PRO B 374 -17.53 30.04 8.26
CA PRO B 374 -18.85 30.35 7.70
C PRO B 374 -19.97 29.73 8.54
N ALA B 375 -21.00 30.51 8.82
CA ALA B 375 -22.18 30.01 9.51
C ALA B 375 -23.21 29.49 8.52
N THR B 376 -23.28 30.17 7.36
CA THR B 376 -24.26 29.86 6.32
C THR B 376 -23.57 29.75 4.95
N VAL B 377 -24.27 29.13 4.00
CA VAL B 377 -23.84 29.08 2.59
C VAL B 377 -23.56 30.50 2.08
N ASP B 378 -24.36 31.47 2.56
CA ASP B 378 -24.20 32.87 2.15
C ASP B 378 -22.85 33.48 2.52
N ASP B 379 -22.26 33.05 3.64
CA ASP B 379 -20.93 33.50 4.03
C ASP B 379 -19.86 33.03 3.02
N VAL B 380 -19.98 31.78 2.58
CA VAL B 380 -19.08 31.23 1.56
C VAL B 380 -19.27 31.97 0.23
N LEU B 381 -20.52 32.16 -0.16
CA LEU B 381 -20.85 32.83 -1.41
C LEU B 381 -20.35 34.28 -1.43
N ASP B 382 -20.46 34.95 -0.28
CA ASP B 382 -19.92 36.30 -0.11
C ASP B 382 -18.40 36.33 -0.27
N ALA B 383 -17.71 35.37 0.36
CA ALA B 383 -16.26 35.23 0.27
C ALA B 383 -15.84 35.05 -1.19
N GLN B 384 -16.58 34.22 -1.93
CA GLN B 384 -16.27 33.91 -3.32
C GLN B 384 -16.49 35.14 -4.18
N ARG B 385 -17.61 35.83 -3.93
CA ARG B 385 -17.93 37.05 -4.67
C ARG B 385 -16.84 38.11 -4.50
N TRP B 386 -16.37 38.30 -3.26
CA TRP B 386 -15.28 39.23 -2.96
C TRP B 386 -14.00 38.83 -3.71
N ALA B 387 -13.72 37.53 -3.70
CA ALA B 387 -12.50 37.01 -4.27
C ALA B 387 -12.46 37.19 -5.79
N ARG B 388 -13.59 36.91 -6.45
CA ARG B 388 -13.70 37.03 -7.90
C ARG B 388 -13.56 38.48 -8.33
N GLU B 389 -14.22 39.38 -7.60
CA GLU B 389 -14.12 40.82 -7.86
C GLU B 389 -12.68 41.30 -7.74
N ARG B 390 -11.99 40.86 -6.69
CA ARG B 390 -10.60 41.22 -6.45
C ARG B 390 -9.68 40.67 -7.55
N ALA B 391 -9.89 39.41 -7.91
CA ALA B 391 -9.11 38.79 -8.99
C ALA B 391 -9.36 39.50 -10.31
N GLN B 392 -10.63 39.82 -10.59
CA GLN B 392 -11.00 40.51 -11.83
C GLN B 392 -10.34 41.88 -11.94
N ARG B 393 -10.25 42.60 -10.82
CA ARG B 393 -9.55 43.88 -10.77
C ARG B 393 -8.06 43.71 -11.10
N ALA B 394 -7.45 42.65 -10.58
CA ALA B 394 -6.04 42.34 -10.86
C ALA B 394 -5.81 41.99 -12.33
N VAL B 395 -6.75 41.27 -12.92
CA VAL B 395 -6.69 40.91 -14.35
C VAL B 395 -6.77 42.17 -15.21
N SER B 396 -7.65 43.10 -14.83
CA SER B 396 -7.87 44.34 -15.58
C SER B 396 -6.68 45.31 -15.52
N GLY B 397 -6.05 45.40 -14.36
CA GLY B 397 -4.94 46.32 -14.14
C GLY B 397 -3.61 45.62 -13.96
#